data_3G6W
#
_entry.id   3G6W
#
_cell.length_a   60.038
_cell.length_b   98.758
_cell.length_c   73.528
_cell.angle_alpha   90.00
_cell.angle_beta   92.80
_cell.angle_gamma   90.00
#
_symmetry.space_group_name_H-M   'P 1 21 1'
#
loop_
_entity.id
_entity.type
_entity.pdbx_description
1 polymer 'Uracil phosphoribosyltransferase'
2 non-polymer "GUANOSINE-5'-TRIPHOSPHATE"
3 non-polymer 'MAGNESIUM ION'
4 non-polymer 1-O-pyrophosphono-5-O-phosphono-alpha-D-ribofuranose
5 non-polymer 5-O-phosphono-alpha-D-ribofuranose
6 non-polymer 'PYROPHOSPHATE 2-'
7 water water
#
_entity_poly.entity_id   1
_entity_poly.type   'polypeptide(L)'
_entity_poly.pdbx_seq_one_letter_code
;MPLYVIDKPITLHILTQLRDKYTDQINFRKNLVRLGRILGYEISNTLDYEIVEVETPLGVKTKGVDITDLNNIVIINILR
AAVPLVEGLLKAFPKARQGVIGASRVEVDGKEVPKDMDVYIYYKKIPDIRAKVDNVIIADPMIATASTMLKVLEEVVKAN
PKRIYIVSIISSEYGVNKILSKYPFIYLFTVAIDPELNNKGYILPGLGDAGDRAFG
;
_entity_poly.pdbx_strand_id   A,B,C,D
#
# COMPACT_ATOMS: atom_id res chain seq x y z
N PRO A 2 4.13 -11.90 -29.96
CA PRO A 2 2.84 -12.51 -29.55
C PRO A 2 1.94 -11.52 -28.82
N LEU A 3 0.64 -11.73 -28.93
CA LEU A 3 -0.35 -10.86 -28.31
C LEU A 3 -0.92 -11.51 -27.04
N TYR A 4 -0.96 -10.75 -25.95
CA TYR A 4 -1.50 -11.27 -24.69
C TYR A 4 -2.67 -10.41 -24.21
N VAL A 5 -3.89 -10.86 -24.47
CA VAL A 5 -5.07 -10.13 -24.04
C VAL A 5 -5.48 -10.67 -22.68
N ILE A 6 -5.37 -9.86 -21.64
CA ILE A 6 -5.72 -10.30 -20.30
C ILE A 6 -7.16 -9.89 -19.98
N ASP A 7 -8.11 -10.72 -20.39
CA ASP A 7 -9.54 -10.43 -20.18
C ASP A 7 -10.23 -11.34 -19.16
N LYS A 8 -9.59 -11.55 -18.02
CA LYS A 8 -10.17 -12.36 -16.96
C LYS A 8 -11.20 -11.46 -16.29
N PRO A 9 -12.17 -12.05 -15.58
CA PRO A 9 -13.17 -11.21 -14.93
C PRO A 9 -12.58 -10.07 -14.11
N ILE A 10 -11.54 -10.36 -13.33
CA ILE A 10 -10.93 -9.33 -12.51
C ILE A 10 -10.49 -8.08 -13.29
N THR A 11 -9.73 -8.26 -14.36
CA THR A 11 -9.27 -7.12 -15.14
C THR A 11 -10.41 -6.45 -15.92
N LEU A 12 -11.35 -7.25 -16.45
CA LEU A 12 -12.48 -6.68 -17.19
C LEU A 12 -13.35 -5.85 -16.26
N HIS A 13 -13.34 -6.23 -14.99
CA HIS A 13 -14.11 -5.55 -13.96
C HIS A 13 -13.55 -4.16 -13.70
N ILE A 14 -12.23 -4.09 -13.59
CA ILE A 14 -11.54 -2.82 -13.36
C ILE A 14 -11.63 -1.96 -14.63
N LEU A 15 -11.38 -2.57 -15.80
CA LEU A 15 -11.47 -1.83 -17.05
C LEU A 15 -12.81 -1.12 -17.11
N THR A 16 -13.88 -1.85 -16.79
CA THR A 16 -15.22 -1.26 -16.82
C THR A 16 -15.22 0.05 -16.03
N GLN A 17 -14.67 -0.01 -14.82
CA GLN A 17 -14.57 1.16 -13.95
C GLN A 17 -13.84 2.27 -14.66
N LEU A 18 -12.74 1.94 -15.32
CA LEU A 18 -11.96 2.94 -16.03
C LEU A 18 -12.78 3.59 -17.16
N ARG A 19 -13.46 2.76 -17.94
CA ARG A 19 -14.28 3.24 -19.06
C ARG A 19 -15.40 4.14 -18.58
N ASP A 20 -16.03 3.77 -17.47
CA ASP A 20 -17.14 4.52 -16.90
C ASP A 20 -16.76 5.99 -16.73
N LYS A 21 -17.38 6.84 -17.54
CA LYS A 21 -17.14 8.29 -17.50
C LYS A 21 -17.42 8.86 -16.11
N TYR A 22 -18.34 8.23 -15.39
CA TYR A 22 -18.72 8.65 -14.04
C TYR A 22 -17.64 8.39 -12.99
N THR A 23 -16.67 7.56 -13.34
CA THR A 23 -15.57 7.24 -12.43
C THR A 23 -14.70 8.47 -12.23
N ASP A 24 -14.60 8.92 -10.98
CA ASP A 24 -13.81 10.11 -10.66
C ASP A 24 -12.31 9.91 -10.74
N GLN A 25 -11.58 11.00 -10.55
CA GLN A 25 -10.13 10.97 -10.65
C GLN A 25 -9.41 10.02 -9.71
N ILE A 26 -9.76 10.04 -8.42
CA ILE A 26 -9.11 9.15 -7.45
C ILE A 26 -9.13 7.73 -7.96
N ASN A 27 -10.35 7.23 -8.09
CA ASN A 27 -10.64 5.87 -8.51
C ASN A 27 -10.08 5.50 -9.88
N PHE A 28 -9.97 6.49 -10.76
CA PHE A 28 -9.45 6.23 -12.09
C PHE A 28 -7.96 5.95 -11.96
N ARG A 29 -7.26 6.85 -11.28
CA ARG A 29 -5.83 6.73 -11.06
C ARG A 29 -5.50 5.43 -10.33
N LYS A 30 -6.32 5.12 -9.32
CA LYS A 30 -6.14 3.94 -8.50
C LYS A 30 -6.30 2.63 -9.28
N ASN A 31 -7.23 2.61 -10.21
CA ASN A 31 -7.44 1.40 -11.00
C ASN A 31 -6.31 1.22 -12.01
N LEU A 32 -5.69 2.32 -12.43
CA LEU A 32 -4.57 2.21 -13.37
C LEU A 32 -3.42 1.52 -12.61
N VAL A 33 -3.29 1.83 -11.33
CA VAL A 33 -2.26 1.22 -10.51
C VAL A 33 -2.59 -0.26 -10.34
N ARG A 34 -3.83 -0.52 -9.95
CA ARG A 34 -4.27 -1.89 -9.74
C ARG A 34 -3.99 -2.77 -10.97
N LEU A 35 -4.33 -2.29 -12.16
CA LEU A 35 -4.09 -3.06 -13.38
C LEU A 35 -2.59 -3.20 -13.67
N GLY A 36 -1.81 -2.15 -13.37
CA GLY A 36 -0.38 -2.22 -13.57
C GLY A 36 0.21 -3.38 -12.76
N ARG A 37 -0.22 -3.50 -11.51
CA ARG A 37 0.23 -4.57 -10.61
C ARG A 37 -0.17 -5.93 -11.17
N ILE A 38 -1.44 -6.05 -11.53
CA ILE A 38 -1.98 -7.29 -12.06
C ILE A 38 -1.32 -7.68 -13.37
N LEU A 39 -1.06 -6.69 -14.23
CA LEU A 39 -0.41 -6.94 -15.52
C LEU A 39 1.06 -7.32 -15.34
N GLY A 40 1.69 -6.77 -14.30
CA GLY A 40 3.07 -7.10 -14.03
C GLY A 40 3.16 -8.58 -13.62
N TYR A 41 2.21 -9.01 -12.79
CA TYR A 41 2.17 -10.40 -12.35
C TYR A 41 2.03 -11.31 -13.57
N GLU A 42 1.12 -10.96 -14.48
CA GLU A 42 0.92 -11.74 -15.69
C GLU A 42 2.25 -11.77 -16.45
N ILE A 43 2.78 -10.59 -16.76
CA ILE A 43 4.05 -10.53 -17.47
C ILE A 43 5.10 -11.38 -16.77
N SER A 44 5.03 -11.43 -15.44
CA SER A 44 5.97 -12.21 -14.63
C SER A 44 5.96 -13.70 -14.92
N ASN A 45 4.78 -14.26 -15.21
CA ASN A 45 4.67 -15.68 -15.50
C ASN A 45 5.22 -16.06 -16.87
N THR A 46 5.57 -15.05 -17.67
CA THR A 46 6.12 -15.30 -19.01
C THR A 46 7.64 -15.20 -19.00
N LEU A 47 8.20 -14.64 -17.93
CA LEU A 47 9.65 -14.47 -17.81
C LEU A 47 10.37 -15.79 -17.63
N ASP A 48 11.66 -15.81 -17.97
CA ASP A 48 12.47 -17.01 -17.83
C ASP A 48 12.83 -17.26 -16.38
N TYR A 49 12.67 -18.52 -15.97
CA TYR A 49 12.96 -18.91 -14.61
C TYR A 49 13.65 -20.27 -14.60
N GLU A 50 14.46 -20.46 -13.57
CA GLU A 50 15.18 -21.70 -13.38
C GLU A 50 14.67 -22.33 -12.11
N ILE A 51 14.75 -23.65 -12.05
CA ILE A 51 14.34 -24.38 -10.86
C ILE A 51 15.52 -24.41 -9.92
N VAL A 52 15.26 -24.07 -8.67
CA VAL A 52 16.29 -24.05 -7.66
C VAL A 52 15.90 -25.10 -6.63
N GLU A 53 16.71 -25.28 -5.60
CA GLU A 53 16.36 -26.28 -4.59
C GLU A 53 16.65 -25.71 -3.22
N VAL A 54 15.59 -25.47 -2.45
CA VAL A 54 15.72 -24.90 -1.11
C VAL A 54 15.54 -25.94 -0.02
N GLU A 55 15.92 -25.55 1.20
CA GLU A 55 15.83 -26.42 2.35
C GLU A 55 14.77 -25.87 3.31
N THR A 56 13.80 -26.70 3.69
CA THR A 56 12.76 -26.24 4.60
C THR A 56 13.21 -26.32 6.06
N PRO A 57 12.57 -25.54 6.96
CA PRO A 57 12.95 -25.58 8.36
C PRO A 57 13.08 -27.02 8.87
N LEU A 58 12.17 -27.89 8.46
CA LEU A 58 12.19 -29.28 8.90
C LEU A 58 13.36 -30.09 8.39
N GLY A 59 14.39 -29.43 7.86
CA GLY A 59 15.56 -30.15 7.41
C GLY A 59 15.65 -30.77 6.01
N VAL A 60 14.53 -30.86 5.29
CA VAL A 60 14.57 -31.47 3.96
C VAL A 60 14.77 -30.46 2.84
N LYS A 61 15.14 -30.98 1.66
CA LYS A 61 15.34 -30.15 0.47
C LYS A 61 14.09 -30.30 -0.37
N THR A 62 13.90 -29.39 -1.33
CA THR A 62 12.74 -29.45 -2.20
C THR A 62 12.89 -28.49 -3.38
N LYS A 63 12.39 -28.92 -4.53
CA LYS A 63 12.44 -28.10 -5.74
C LYS A 63 11.53 -26.87 -5.63
N GLY A 64 11.99 -25.73 -6.12
CA GLY A 64 11.21 -24.52 -6.07
C GLY A 64 11.30 -23.80 -7.40
N VAL A 65 11.10 -22.49 -7.38
CA VAL A 65 11.17 -21.68 -8.59
C VAL A 65 11.76 -20.33 -8.24
N ASP A 66 12.58 -19.81 -9.13
CA ASP A 66 13.18 -18.51 -8.96
C ASP A 66 13.10 -17.82 -10.29
N ILE A 67 12.27 -16.79 -10.39
CA ILE A 67 12.17 -16.06 -11.64
C ILE A 67 13.40 -15.15 -11.65
N THR A 68 14.48 -15.66 -12.22
CA THR A 68 15.74 -14.92 -12.27
C THR A 68 15.68 -13.62 -13.04
N ASP A 69 14.87 -13.56 -14.09
CA ASP A 69 14.78 -12.34 -14.88
C ASP A 69 14.09 -11.16 -14.18
N LEU A 70 13.68 -11.33 -12.92
CA LEU A 70 13.07 -10.23 -12.19
C LEU A 70 14.16 -9.23 -11.79
N ASN A 71 15.41 -9.62 -11.96
CA ASN A 71 16.56 -8.79 -11.64
C ASN A 71 16.92 -8.00 -12.88
N ASN A 72 16.37 -8.43 -14.02
CA ASN A 72 16.65 -7.80 -15.30
C ASN A 72 15.43 -7.18 -15.96
N ILE A 73 15.02 -6.03 -15.46
CA ILE A 73 13.84 -5.35 -16.00
C ILE A 73 14.04 -3.86 -16.12
N VAL A 74 13.84 -3.32 -17.33
CA VAL A 74 13.92 -1.88 -17.53
C VAL A 74 12.54 -1.40 -17.97
N ILE A 75 11.83 -0.68 -17.11
CA ILE A 75 10.51 -0.18 -17.48
C ILE A 75 10.63 1.17 -18.14
N ILE A 76 9.89 1.33 -19.23
CA ILE A 76 9.87 2.59 -19.97
C ILE A 76 8.53 3.29 -19.67
N ASN A 77 8.60 4.37 -18.90
CA ASN A 77 7.41 5.14 -18.53
C ASN A 77 7.15 6.25 -19.55
N ILE A 78 6.24 6.00 -20.50
CA ILE A 78 5.90 7.01 -21.51
C ILE A 78 5.15 8.13 -20.80
N LEU A 79 5.86 9.24 -20.59
CA LEU A 79 5.35 10.37 -19.85
C LEU A 79 3.91 10.78 -19.89
N ARG A 80 3.43 10.95 -18.66
CA ARG A 80 2.08 11.31 -18.26
C ARG A 80 1.20 10.08 -18.01
N ALA A 81 0.21 9.82 -18.85
CA ALA A 81 -0.68 8.70 -18.62
C ALA A 81 -0.07 7.42 -18.01
N ALA A 82 1.16 7.11 -18.39
CA ALA A 82 1.83 5.89 -17.92
C ALA A 82 2.24 5.84 -16.46
N VAL A 83 2.50 7.00 -15.86
CA VAL A 83 2.92 7.06 -14.45
C VAL A 83 2.08 6.21 -13.48
N PRO A 84 0.75 6.29 -13.52
CA PRO A 84 0.00 5.44 -12.59
C PRO A 84 0.23 3.96 -12.93
N LEU A 85 0.24 3.66 -14.22
CA LEU A 85 0.44 2.29 -14.72
C LEU A 85 1.79 1.72 -14.31
N VAL A 86 2.83 2.55 -14.39
CA VAL A 86 4.16 2.10 -14.01
C VAL A 86 4.24 1.88 -12.50
N GLU A 87 3.51 2.71 -11.75
CA GLU A 87 3.50 2.55 -10.31
C GLU A 87 3.02 1.11 -10.04
N GLY A 88 2.04 0.67 -10.83
CA GLY A 88 1.51 -0.66 -10.69
C GLY A 88 2.58 -1.70 -10.94
N LEU A 89 3.16 -1.64 -12.13
CA LEU A 89 4.21 -2.57 -12.55
C LEU A 89 5.33 -2.72 -11.52
N LEU A 90 5.78 -1.59 -10.97
CA LEU A 90 6.84 -1.60 -9.96
C LEU A 90 6.54 -2.51 -8.77
N LYS A 91 5.27 -2.80 -8.55
CA LYS A 91 4.85 -3.66 -7.46
C LYS A 91 5.22 -5.09 -7.85
N ALA A 92 5.44 -5.29 -9.13
CA ALA A 92 5.81 -6.61 -9.62
C ALA A 92 7.27 -6.66 -10.04
N PHE A 93 7.87 -5.49 -10.23
CA PHE A 93 9.27 -5.42 -10.65
C PHE A 93 10.03 -4.35 -9.89
N PRO A 94 10.15 -4.51 -8.55
CA PRO A 94 10.86 -3.53 -7.73
C PRO A 94 12.35 -3.47 -8.01
N LYS A 95 12.86 -4.46 -8.74
CA LYS A 95 14.28 -4.48 -9.10
C LYS A 95 14.47 -3.94 -10.51
N ALA A 96 13.48 -3.20 -11.00
CA ALA A 96 13.55 -2.65 -12.35
C ALA A 96 14.12 -1.25 -12.39
N ARG A 97 14.79 -0.95 -13.48
CA ARG A 97 15.34 0.38 -13.68
C ARG A 97 14.26 1.10 -14.45
N GLN A 98 14.19 2.41 -14.33
CA GLN A 98 13.12 3.11 -15.00
C GLN A 98 13.55 4.22 -15.94
N GLY A 99 13.12 4.12 -17.20
CA GLY A 99 13.42 5.13 -18.19
C GLY A 99 12.17 5.94 -18.37
N VAL A 100 12.29 7.24 -18.54
CA VAL A 100 11.12 8.09 -18.72
C VAL A 100 11.17 8.76 -20.07
N ILE A 101 10.11 8.63 -20.85
CA ILE A 101 10.08 9.25 -22.16
C ILE A 101 8.93 10.21 -22.25
N GLY A 102 9.26 11.46 -22.56
CA GLY A 102 8.23 12.47 -22.70
C GLY A 102 7.83 12.61 -24.15
N ALA A 103 6.93 11.76 -24.61
CA ALA A 103 6.47 11.85 -25.98
C ALA A 103 5.22 12.68 -25.90
N SER A 104 4.86 13.30 -27.01
CA SER A 104 3.66 14.11 -27.07
C SER A 104 3.12 14.03 -28.49
N ARG A 105 1.84 13.73 -28.61
CA ARG A 105 1.20 13.59 -29.90
C ARG A 105 0.61 14.91 -30.38
N VAL A 106 0.63 15.11 -31.71
CA VAL A 106 0.07 16.32 -32.31
C VAL A 106 -1.38 16.08 -32.71
N GLU A 107 -2.27 16.96 -32.26
CA GLU A 107 -3.69 16.85 -32.56
C GLU A 107 -3.96 17.13 -34.04
N VAL A 108 -4.91 16.41 -34.62
CA VAL A 108 -5.26 16.59 -36.04
C VAL A 108 -6.72 16.27 -36.35
N ASP A 109 -7.53 17.31 -36.53
CA ASP A 109 -8.94 17.15 -36.86
C ASP A 109 -9.06 16.95 -38.36
N GLY A 110 -9.32 15.71 -38.79
CA GLY A 110 -9.43 15.41 -40.20
C GLY A 110 -10.51 14.42 -40.60
N LYS A 111 -10.57 14.13 -41.90
CA LYS A 111 -11.54 13.22 -42.47
C LYS A 111 -11.42 11.78 -41.95
N GLU A 112 -10.32 11.12 -42.30
CA GLU A 112 -10.07 9.75 -41.88
C GLU A 112 -9.49 9.68 -40.47
N VAL A 113 -8.90 8.54 -40.16
CA VAL A 113 -8.27 8.31 -38.86
C VAL A 113 -6.75 8.32 -39.08
N PRO A 114 -6.04 9.24 -38.42
CA PRO A 114 -4.58 9.30 -38.58
C PRO A 114 -3.91 7.94 -38.54
N LYS A 115 -3.02 7.69 -39.51
CA LYS A 115 -2.26 6.44 -39.57
C LYS A 115 -1.06 6.66 -38.65
N ASP A 116 -0.32 7.72 -38.93
CA ASP A 116 0.85 8.10 -38.16
C ASP A 116 0.72 9.59 -37.88
N MET A 117 1.35 10.07 -36.82
CA MET A 117 1.26 11.48 -36.46
C MET A 117 2.62 12.11 -36.11
N ASP A 118 2.67 13.44 -36.13
CA ASP A 118 3.89 14.17 -35.81
C ASP A 118 4.16 13.94 -34.32
N VAL A 119 4.84 12.84 -34.00
CA VAL A 119 5.16 12.53 -32.61
C VAL A 119 6.63 12.75 -32.31
N TYR A 120 6.95 13.89 -31.71
CA TYR A 120 8.33 14.19 -31.37
C TYR A 120 8.50 13.99 -29.86
N ILE A 121 9.66 13.50 -29.46
CA ILE A 121 9.93 13.26 -28.05
C ILE A 121 10.58 14.48 -27.41
N TYR A 122 9.84 15.10 -26.49
CA TYR A 122 10.30 16.30 -25.80
C TYR A 122 11.10 15.98 -24.52
N TYR A 123 11.27 14.70 -24.23
CA TYR A 123 12.00 14.25 -23.03
C TYR A 123 12.44 12.80 -23.21
N LYS A 124 13.56 12.43 -22.61
CA LYS A 124 14.04 11.06 -22.75
C LYS A 124 15.31 10.80 -21.92
N LYS A 125 15.12 10.15 -20.79
CA LYS A 125 16.20 9.81 -19.89
C LYS A 125 16.10 8.30 -19.68
N ILE A 126 16.76 7.52 -20.54
CA ILE A 126 16.69 6.08 -20.38
C ILE A 126 17.99 5.53 -19.79
N PRO A 127 17.88 4.64 -18.79
CA PRO A 127 19.07 4.06 -18.14
C PRO A 127 19.67 2.99 -19.06
N ASP A 128 20.95 2.65 -18.84
CA ASP A 128 21.61 1.65 -19.67
C ASP A 128 20.95 0.27 -19.72
N ILE A 129 20.55 -0.12 -20.93
CA ILE A 129 19.92 -1.40 -21.21
C ILE A 129 21.02 -2.37 -21.62
N ARG A 130 20.98 -3.57 -21.05
CA ARG A 130 21.99 -4.59 -21.32
C ARG A 130 21.56 -5.53 -22.44
N ALA A 131 22.24 -5.44 -23.59
CA ALA A 131 21.94 -6.27 -24.73
C ALA A 131 21.86 -7.76 -24.44
N LYS A 132 20.90 -8.41 -25.09
CA LYS A 132 20.69 -9.84 -24.96
C LYS A 132 20.43 -10.31 -23.53
N VAL A 133 20.13 -9.37 -22.64
CA VAL A 133 19.88 -9.74 -21.26
C VAL A 133 18.64 -9.10 -20.61
N ASP A 134 18.47 -7.79 -20.76
CA ASP A 134 17.32 -7.12 -20.15
C ASP A 134 15.99 -7.33 -20.82
N ASN A 135 14.96 -7.23 -20.01
CA ASN A 135 13.58 -7.36 -20.45
C ASN A 135 13.06 -5.93 -20.33
N VAL A 136 12.90 -5.27 -21.47
CA VAL A 136 12.38 -3.91 -21.46
C VAL A 136 10.86 -3.93 -21.50
N ILE A 137 10.25 -3.18 -20.60
CA ILE A 137 8.80 -3.09 -20.51
C ILE A 137 8.34 -1.66 -20.79
N ILE A 138 7.70 -1.48 -21.94
CA ILE A 138 7.20 -0.18 -22.37
C ILE A 138 5.76 -0.04 -21.92
N ALA A 139 5.51 0.96 -21.07
CA ALA A 139 4.16 1.16 -20.55
C ALA A 139 3.47 2.39 -21.09
N ASP A 140 2.18 2.23 -21.32
CA ASP A 140 1.32 3.29 -21.80
C ASP A 140 -0.09 2.73 -21.83
N PRO A 141 -0.96 3.26 -20.97
CA PRO A 141 -2.36 2.88 -20.80
C PRO A 141 -3.14 2.60 -22.08
N MET A 142 -2.85 3.35 -23.14
CA MET A 142 -3.57 3.14 -24.39
C MET A 142 -2.74 3.29 -25.64
N ILE A 143 -2.94 2.38 -26.58
CA ILE A 143 -2.25 2.41 -27.85
C ILE A 143 -3.34 2.65 -28.89
N ALA A 144 -3.35 3.84 -29.49
CA ALA A 144 -4.35 4.17 -30.51
C ALA A 144 -3.80 3.88 -31.92
N THR A 145 -3.01 4.81 -32.45
CA THR A 145 -2.45 4.61 -33.79
C THR A 145 -1.05 4.00 -33.68
N ALA A 146 -0.56 3.86 -32.46
CA ALA A 146 0.75 3.29 -32.19
C ALA A 146 1.89 4.25 -32.51
N SER A 147 1.52 5.43 -33.03
CA SER A 147 2.47 6.47 -33.38
C SER A 147 3.55 6.55 -32.35
N THR A 148 3.08 6.88 -31.15
CA THR A 148 3.92 7.03 -29.98
C THR A 148 4.71 5.78 -29.71
N MET A 149 4.02 4.66 -29.60
CA MET A 149 4.67 3.40 -29.31
C MET A 149 5.81 3.07 -30.27
N LEU A 150 5.51 3.03 -31.56
CA LEU A 150 6.51 2.72 -32.59
C LEU A 150 7.69 3.66 -32.49
N LYS A 151 7.40 4.93 -32.20
CA LYS A 151 8.45 5.94 -32.08
C LYS A 151 9.45 5.58 -30.99
N VAL A 152 8.92 5.05 -29.88
CA VAL A 152 9.76 4.65 -28.75
C VAL A 152 10.50 3.36 -29.04
N LEU A 153 9.80 2.41 -29.67
CA LEU A 153 10.40 1.13 -29.99
C LEU A 153 11.66 1.32 -30.85
N GLU A 154 11.66 2.39 -31.65
CA GLU A 154 12.80 2.71 -32.51
C GLU A 154 14.01 2.94 -31.64
N GLU A 155 13.80 3.61 -30.51
CA GLU A 155 14.86 3.89 -29.55
C GLU A 155 15.30 2.65 -28.78
N VAL A 156 14.35 1.89 -28.25
CA VAL A 156 14.66 0.71 -27.46
C VAL A 156 15.33 -0.39 -28.27
N VAL A 157 14.74 -0.74 -29.41
CA VAL A 157 15.29 -1.76 -30.29
C VAL A 157 16.81 -1.63 -30.37
N LYS A 158 17.29 -0.47 -30.84
CA LYS A 158 18.72 -0.20 -30.97
C LYS A 158 19.61 -0.83 -29.87
N ALA A 159 19.11 -0.85 -28.63
CA ALA A 159 19.86 -1.41 -27.51
C ALA A 159 19.78 -2.94 -27.39
N ASN A 160 19.16 -3.58 -28.39
CA ASN A 160 19.00 -5.03 -28.44
C ASN A 160 18.79 -5.69 -27.07
N PRO A 161 17.58 -5.58 -26.52
CA PRO A 161 17.28 -6.18 -25.22
C PRO A 161 16.86 -7.64 -25.43
N LYS A 162 16.99 -8.45 -24.38
CA LYS A 162 16.63 -9.86 -24.46
C LYS A 162 15.21 -10.01 -25.02
N ARG A 163 14.32 -9.12 -24.59
CA ARG A 163 12.97 -9.11 -25.14
C ARG A 163 12.30 -7.83 -24.71
N ILE A 164 11.23 -7.50 -25.41
CA ILE A 164 10.48 -6.28 -25.20
C ILE A 164 9.02 -6.58 -24.93
N TYR A 165 8.48 -5.94 -23.90
CA TYR A 165 7.07 -6.11 -23.57
C TYR A 165 6.44 -4.73 -23.74
N ILE A 166 5.13 -4.74 -23.95
CA ILE A 166 4.38 -3.51 -24.05
C ILE A 166 3.23 -3.75 -23.11
N VAL A 167 2.97 -2.80 -22.25
CA VAL A 167 1.87 -2.95 -21.31
C VAL A 167 0.90 -1.83 -21.56
N SER A 168 -0.34 -2.18 -21.86
CA SER A 168 -1.36 -1.18 -22.09
C SER A 168 -2.66 -1.69 -21.51
N ILE A 169 -3.61 -0.79 -21.34
CA ILE A 169 -4.90 -1.16 -20.83
C ILE A 169 -5.78 -1.37 -22.05
N ILE A 170 -5.86 -0.36 -22.91
CA ILE A 170 -6.67 -0.44 -24.14
C ILE A 170 -5.80 -0.26 -25.38
N SER A 171 -6.08 -1.04 -26.43
CA SER A 171 -5.31 -0.94 -27.67
C SER A 171 -6.23 -1.13 -28.86
N SER A 172 -6.10 -0.30 -29.89
CA SER A 172 -6.96 -0.47 -31.05
C SER A 172 -6.45 -1.61 -31.92
N GLU A 173 -7.37 -2.21 -32.66
CA GLU A 173 -7.04 -3.27 -33.59
C GLU A 173 -5.89 -2.73 -34.47
N TYR A 174 -6.13 -1.55 -35.04
CA TYR A 174 -5.16 -0.92 -35.92
C TYR A 174 -3.76 -0.94 -35.33
N GLY A 175 -3.66 -0.52 -34.07
CA GLY A 175 -2.36 -0.48 -33.41
C GLY A 175 -1.71 -1.84 -33.20
N VAL A 176 -2.43 -2.75 -32.57
CA VAL A 176 -1.91 -4.08 -32.29
C VAL A 176 -1.26 -4.63 -33.54
N ASN A 177 -1.97 -4.54 -34.66
CA ASN A 177 -1.47 -5.04 -35.93
C ASN A 177 -0.30 -4.21 -36.43
N LYS A 178 -0.41 -2.90 -36.23
CA LYS A 178 0.60 -1.92 -36.63
C LYS A 178 1.94 -2.12 -35.90
N ILE A 179 1.89 -2.75 -34.73
CA ILE A 179 3.07 -2.99 -33.91
C ILE A 179 3.59 -4.39 -34.08
N LEU A 180 2.70 -5.38 -34.02
CA LEU A 180 3.12 -6.76 -34.15
C LEU A 180 3.58 -7.09 -35.57
N SER A 181 3.33 -6.16 -36.48
CA SER A 181 3.72 -6.28 -37.87
C SER A 181 5.15 -5.76 -38.04
N LYS A 182 5.41 -4.57 -37.51
CA LYS A 182 6.72 -3.91 -37.58
C LYS A 182 7.73 -4.54 -36.62
N TYR A 183 7.24 -5.09 -35.51
CA TYR A 183 8.06 -5.78 -34.53
C TYR A 183 7.24 -7.00 -34.15
N PRO A 184 7.39 -8.09 -34.92
CA PRO A 184 6.65 -9.32 -34.68
C PRO A 184 7.00 -10.11 -33.41
N PHE A 185 8.25 -10.09 -32.99
CA PHE A 185 8.67 -10.84 -31.82
C PHE A 185 8.51 -10.09 -30.51
N ILE A 186 7.56 -9.18 -30.46
CA ILE A 186 7.31 -8.38 -29.27
C ILE A 186 6.15 -8.94 -28.45
N TYR A 187 6.23 -8.85 -27.12
CA TYR A 187 5.19 -9.33 -26.23
C TYR A 187 4.25 -8.18 -25.90
N LEU A 188 3.11 -8.12 -26.57
CA LEU A 188 2.17 -7.05 -26.33
C LEU A 188 1.05 -7.47 -25.38
N PHE A 189 1.01 -6.86 -24.21
CA PHE A 189 -0.03 -7.15 -23.22
C PHE A 189 -1.05 -6.02 -23.20
N THR A 190 -2.31 -6.39 -23.07
CA THR A 190 -3.37 -5.41 -23.06
C THR A 190 -4.59 -6.09 -22.47
N VAL A 191 -5.52 -5.31 -21.90
CA VAL A 191 -6.73 -5.87 -21.31
C VAL A 191 -7.83 -5.98 -22.35
N ALA A 192 -7.90 -4.98 -23.23
CA ALA A 192 -8.92 -4.99 -24.26
C ALA A 192 -8.42 -4.38 -25.55
N ILE A 193 -8.98 -4.86 -26.65
CA ILE A 193 -8.62 -4.36 -27.97
C ILE A 193 -9.89 -3.73 -28.54
N ASP A 194 -9.96 -2.41 -28.52
CA ASP A 194 -11.13 -1.74 -29.06
C ASP A 194 -11.07 -1.72 -30.58
N PRO A 195 -12.22 -1.98 -31.23
CA PRO A 195 -12.32 -2.02 -32.69
C PRO A 195 -11.63 -0.92 -33.47
N GLU A 196 -12.18 0.29 -33.39
CA GLU A 196 -11.67 1.40 -34.16
C GLU A 196 -11.30 2.70 -33.46
N LEU A 197 -10.54 3.53 -34.16
CA LEU A 197 -10.12 4.82 -33.67
C LEU A 197 -11.08 5.78 -34.34
N ASN A 198 -11.33 6.94 -33.72
CA ASN A 198 -12.27 7.91 -34.28
C ASN A 198 -11.62 9.01 -35.12
N ASN A 199 -12.42 9.99 -35.48
CA ASN A 199 -12.00 11.11 -36.30
C ASN A 199 -10.76 11.82 -35.76
N LYS A 200 -10.69 11.95 -34.43
CA LYS A 200 -9.55 12.61 -33.77
C LYS A 200 -8.51 11.64 -33.16
N GLY A 201 -8.32 10.49 -33.80
CA GLY A 201 -7.35 9.53 -33.32
C GLY A 201 -7.61 8.92 -31.95
N TYR A 202 -8.81 9.11 -31.41
CA TYR A 202 -9.15 8.54 -30.10
C TYR A 202 -9.72 7.11 -30.23
N ILE A 203 -9.44 6.26 -29.23
CA ILE A 203 -9.92 4.88 -29.22
C ILE A 203 -11.41 4.78 -28.85
N LEU A 204 -12.15 3.96 -29.59
CA LEU A 204 -13.57 3.76 -29.33
C LEU A 204 -13.87 2.29 -29.06
N PRO A 205 -14.66 2.01 -28.01
CA PRO A 205 -15.28 2.97 -27.08
C PRO A 205 -14.24 3.81 -26.33
N GLY A 206 -13.19 3.15 -25.87
CA GLY A 206 -12.16 3.85 -25.14
C GLY A 206 -12.52 4.06 -23.67
N LEU A 207 -11.78 4.95 -23.03
CA LEU A 207 -12.01 5.26 -21.63
C LEU A 207 -11.73 6.74 -21.42
N GLY A 208 -11.73 7.49 -22.52
CA GLY A 208 -11.45 8.92 -22.47
C GLY A 208 -9.96 9.14 -22.54
N ASP A 209 -9.52 10.35 -22.19
CA ASP A 209 -8.10 10.66 -22.21
C ASP A 209 -7.52 10.29 -20.83
N ALA A 210 -6.89 9.12 -20.76
CA ALA A 210 -6.28 8.61 -19.52
C ALA A 210 -5.38 9.66 -18.88
N GLY A 211 -4.74 10.47 -19.72
CA GLY A 211 -3.89 11.51 -19.21
C GLY A 211 -4.67 12.51 -18.39
N ASP A 212 -5.73 13.07 -18.97
CA ASP A 212 -6.55 14.03 -18.25
C ASP A 212 -7.24 13.40 -17.06
N ARG A 213 -7.85 12.24 -17.30
CA ARG A 213 -8.57 11.56 -16.25
C ARG A 213 -7.74 11.35 -14.98
N ALA A 214 -6.47 10.97 -15.14
CA ALA A 214 -5.61 10.69 -13.97
C ALA A 214 -4.81 11.84 -13.36
N PHE A 215 -4.46 12.85 -14.15
CA PHE A 215 -3.69 13.98 -13.61
C PHE A 215 -4.55 15.22 -13.53
N GLY A 216 -5.58 15.26 -14.38
CA GLY A 216 -6.51 16.38 -14.43
C GLY A 216 -6.03 17.52 -15.30
N PRO B 2 -14.55 -28.45 -5.87
CA PRO B 2 -13.45 -28.46 -6.86
C PRO B 2 -12.13 -28.01 -6.25
N LEU B 3 -11.03 -28.51 -6.79
CA LEU B 3 -9.69 -28.17 -6.31
C LEU B 3 -9.03 -27.17 -7.25
N TYR B 4 -8.47 -26.10 -6.70
CA TYR B 4 -7.79 -25.09 -7.50
C TYR B 4 -6.35 -24.94 -7.05
N VAL B 5 -5.44 -25.57 -7.79
CA VAL B 5 -4.02 -25.47 -7.44
C VAL B 5 -3.43 -24.33 -8.26
N ILE B 6 -3.00 -23.27 -7.59
CA ILE B 6 -2.44 -22.12 -8.28
C ILE B 6 -0.91 -22.20 -8.30
N ASP B 7 -0.39 -22.95 -9.27
CA ASP B 7 1.04 -23.14 -9.39
C ASP B 7 1.68 -22.41 -10.58
N LYS B 8 1.33 -21.15 -10.77
CA LYS B 8 1.91 -20.35 -11.85
C LYS B 8 3.31 -19.97 -11.36
N PRO B 9 4.22 -19.62 -12.27
CA PRO B 9 5.57 -19.25 -11.83
C PRO B 9 5.59 -18.22 -10.70
N ILE B 10 4.74 -17.21 -10.79
CA ILE B 10 4.71 -16.17 -9.77
C ILE B 10 4.45 -16.72 -8.37
N THR B 11 3.42 -17.54 -8.21
CA THR B 11 3.13 -18.09 -6.88
C THR B 11 4.15 -19.13 -6.43
N LEU B 12 4.64 -19.95 -7.36
CA LEU B 12 5.62 -20.98 -7.02
C LEU B 12 6.92 -20.30 -6.57
N HIS B 13 7.15 -19.11 -7.11
CA HIS B 13 8.34 -18.33 -6.82
C HIS B 13 8.30 -17.84 -5.37
N ILE B 14 7.13 -17.36 -4.97
CA ILE B 14 6.93 -16.86 -3.61
C ILE B 14 6.94 -18.05 -2.64
N LEU B 15 6.25 -19.12 -3.01
CA LEU B 15 6.19 -20.29 -2.15
C LEU B 15 7.62 -20.71 -1.82
N THR B 16 8.48 -20.74 -2.84
CA THR B 16 9.87 -21.13 -2.63
C THR B 16 10.50 -20.32 -1.50
N GLN B 17 10.34 -19.01 -1.54
CA GLN B 17 10.89 -18.18 -0.49
C GLN B 17 10.25 -18.50 0.87
N LEU B 18 8.97 -18.86 0.86
CA LEU B 18 8.32 -19.22 2.11
C LEU B 18 8.95 -20.49 2.67
N ARG B 19 9.11 -21.51 1.81
CA ARG B 19 9.69 -22.79 2.22
C ARG B 19 11.13 -22.63 2.71
N ASP B 20 11.90 -21.76 2.04
CA ASP B 20 13.29 -21.50 2.37
C ASP B 20 13.46 -21.12 3.85
N LYS B 21 14.03 -22.03 4.63
CA LYS B 21 14.21 -21.78 6.06
C LYS B 21 15.07 -20.56 6.30
N TYR B 22 15.61 -19.99 5.22
CA TYR B 22 16.48 -18.81 5.32
C TYR B 22 15.78 -17.46 5.23
N THR B 23 14.49 -17.46 4.91
CA THR B 23 13.74 -16.19 4.80
C THR B 23 13.30 -15.72 6.19
N ASP B 24 13.64 -14.49 6.56
CA ASP B 24 13.27 -13.99 7.89
C ASP B 24 11.79 -13.73 8.06
N GLN B 25 11.38 -13.33 9.27
CA GLN B 25 9.96 -13.10 9.57
C GLN B 25 9.30 -11.94 8.81
N ILE B 26 10.10 -10.94 8.47
CA ILE B 26 9.60 -9.80 7.71
C ILE B 26 9.27 -10.25 6.30
N ASN B 27 10.19 -10.98 5.66
CA ASN B 27 9.98 -11.47 4.32
C ASN B 27 9.00 -12.63 4.27
N PHE B 28 8.95 -13.40 5.36
CA PHE B 28 8.03 -14.53 5.41
C PHE B 28 6.61 -13.99 5.51
N ARG B 29 6.40 -13.08 6.44
CA ARG B 29 5.07 -12.51 6.63
C ARG B 29 4.64 -11.77 5.38
N LYS B 30 5.58 -11.03 4.80
CA LYS B 30 5.29 -10.27 3.62
C LYS B 30 4.84 -11.13 2.45
N ASN B 31 5.46 -12.30 2.29
CA ASN B 31 5.08 -13.17 1.20
C ASN B 31 3.72 -13.80 1.47
N LEU B 32 3.36 -13.96 2.74
CA LEU B 32 2.05 -14.52 3.08
C LEU B 32 1.00 -13.50 2.63
N VAL B 33 1.33 -12.23 2.78
CA VAL B 33 0.41 -11.18 2.38
C VAL B 33 0.30 -11.17 0.86
N ARG B 34 1.47 -11.20 0.20
CA ARG B 34 1.53 -11.21 -1.25
C ARG B 34 0.68 -12.32 -1.86
N LEU B 35 0.84 -13.54 -1.33
CA LEU B 35 0.06 -14.68 -1.83
C LEU B 35 -1.43 -14.52 -1.52
N GLY B 36 -1.74 -13.95 -0.36
CA GLY B 36 -3.13 -13.74 -0.01
C GLY B 36 -3.83 -12.87 -1.05
N ARG B 37 -3.17 -11.82 -1.49
CA ARG B 37 -3.80 -10.94 -2.47
C ARG B 37 -3.88 -11.62 -3.82
N ILE B 38 -2.81 -12.33 -4.21
CA ILE B 38 -2.80 -13.02 -5.49
C ILE B 38 -3.85 -14.12 -5.47
N LEU B 39 -3.90 -14.84 -4.35
CA LEU B 39 -4.87 -15.90 -4.15
C LEU B 39 -6.29 -15.32 -4.18
N GLY B 40 -6.45 -14.10 -3.69
CA GLY B 40 -7.76 -13.49 -3.72
C GLY B 40 -8.17 -13.14 -5.15
N TYR B 41 -7.17 -12.90 -6.00
CA TYR B 41 -7.44 -12.56 -7.38
C TYR B 41 -7.84 -13.80 -8.15
N GLU B 42 -7.39 -14.96 -7.70
CA GLU B 42 -7.78 -16.19 -8.36
C GLU B 42 -9.25 -16.36 -8.01
N ILE B 43 -9.53 -16.42 -6.71
CA ILE B 43 -10.91 -16.55 -6.22
C ILE B 43 -11.83 -15.52 -6.88
N SER B 44 -11.30 -14.35 -7.21
CA SER B 44 -12.11 -13.32 -7.83
C SER B 44 -12.67 -13.76 -9.18
N ASN B 45 -11.82 -14.32 -10.02
CA ASN B 45 -12.25 -14.75 -11.34
C ASN B 45 -13.31 -15.86 -11.35
N THR B 46 -13.43 -16.62 -10.26
CA THR B 46 -14.42 -17.68 -10.21
C THR B 46 -15.77 -17.21 -9.68
N LEU B 47 -15.80 -16.03 -9.06
CA LEU B 47 -17.06 -15.54 -8.51
C LEU B 47 -18.11 -15.14 -9.55
N ASP B 48 -19.36 -15.15 -9.11
CA ASP B 48 -20.49 -14.78 -9.96
C ASP B 48 -20.39 -13.31 -10.29
N TYR B 49 -20.66 -12.98 -11.55
CA TYR B 49 -20.62 -11.60 -12.01
C TYR B 49 -21.73 -11.40 -13.06
N GLU B 50 -22.21 -10.17 -13.20
CA GLU B 50 -23.25 -9.85 -14.16
C GLU B 50 -22.70 -8.86 -15.20
N ILE B 51 -23.26 -8.90 -16.41
CA ILE B 51 -22.82 -8.01 -17.47
C ILE B 51 -23.50 -6.65 -17.30
N VAL B 52 -22.73 -5.57 -17.33
CA VAL B 52 -23.32 -4.24 -17.18
C VAL B 52 -22.99 -3.39 -18.40
N GLU B 53 -23.52 -2.18 -18.43
CA GLU B 53 -23.28 -1.27 -19.54
C GLU B 53 -22.85 0.06 -18.97
N VAL B 54 -21.81 0.64 -19.52
CA VAL B 54 -21.32 1.92 -19.04
C VAL B 54 -21.09 2.80 -20.23
N GLU B 55 -21.35 4.10 -20.07
CA GLU B 55 -21.11 5.02 -21.16
C GLU B 55 -19.67 5.50 -21.00
N THR B 56 -18.96 5.71 -22.10
CA THR B 56 -17.58 6.16 -21.99
C THR B 56 -17.49 7.66 -22.24
N PRO B 57 -16.35 8.26 -21.88
CA PRO B 57 -16.18 9.70 -22.08
C PRO B 57 -16.64 10.20 -23.45
N LEU B 58 -16.30 9.48 -24.51
CA LEU B 58 -16.68 9.87 -25.85
C LEU B 58 -18.15 9.61 -26.23
N GLY B 59 -18.98 9.41 -25.20
CA GLY B 59 -20.40 9.18 -25.41
C GLY B 59 -20.87 7.90 -26.06
N VAL B 60 -20.03 6.86 -26.04
CA VAL B 60 -20.43 5.58 -26.62
C VAL B 60 -20.66 4.55 -25.52
N LYS B 61 -21.70 3.72 -25.67
CA LYS B 61 -21.95 2.72 -24.66
C LYS B 61 -21.19 1.47 -25.03
N THR B 62 -20.70 0.79 -24.01
CA THR B 62 -19.95 -0.45 -24.20
C THR B 62 -20.27 -1.36 -23.03
N LYS B 63 -20.32 -2.66 -23.30
CA LYS B 63 -20.59 -3.61 -22.25
C LYS B 63 -19.37 -3.70 -21.32
N GLY B 64 -19.64 -4.04 -20.06
CA GLY B 64 -18.58 -4.18 -19.08
C GLY B 64 -18.86 -5.31 -18.11
N VAL B 65 -17.99 -5.47 -17.13
CA VAL B 65 -18.14 -6.52 -16.15
C VAL B 65 -18.19 -5.95 -14.73
N ASP B 66 -18.97 -6.60 -13.88
CA ASP B 66 -19.06 -6.22 -12.48
C ASP B 66 -19.15 -7.48 -11.60
N ILE B 67 -18.14 -7.71 -10.77
CA ILE B 67 -18.12 -8.88 -9.89
C ILE B 67 -18.95 -8.58 -8.65
N THR B 68 -20.27 -8.62 -8.85
CA THR B 68 -21.27 -8.38 -7.81
C THR B 68 -20.98 -9.01 -6.46
N ASP B 69 -20.66 -10.30 -6.49
CA ASP B 69 -20.36 -11.04 -5.28
C ASP B 69 -19.21 -10.45 -4.46
N LEU B 70 -18.54 -9.44 -5.00
CA LEU B 70 -17.45 -8.83 -4.24
C LEU B 70 -18.04 -8.09 -3.05
N ASN B 71 -19.35 -7.94 -3.04
CA ASN B 71 -19.98 -7.25 -1.93
C ASN B 71 -20.47 -8.28 -0.94
N ASN B 72 -20.45 -9.53 -1.35
CA ASN B 72 -20.90 -10.61 -0.49
C ASN B 72 -19.80 -11.57 -0.08
N ILE B 73 -18.83 -11.10 0.68
CA ILE B 73 -17.74 -11.96 1.12
C ILE B 73 -17.56 -11.91 2.63
N VAL B 74 -17.41 -13.08 3.22
CA VAL B 74 -17.19 -13.20 4.65
C VAL B 74 -15.95 -14.03 4.82
N ILE B 75 -14.84 -13.41 5.19
CA ILE B 75 -13.59 -14.13 5.37
C ILE B 75 -13.49 -14.64 6.80
N ILE B 76 -13.17 -15.92 6.95
CA ILE B 76 -13.02 -16.52 8.27
C ILE B 76 -11.55 -16.71 8.60
N ASN B 77 -11.13 -16.01 9.65
CA ASN B 77 -9.75 -16.01 10.11
C ASN B 77 -9.51 -17.05 11.20
N ILE B 78 -8.73 -18.09 10.89
CA ILE B 78 -8.45 -19.10 11.92
C ILE B 78 -7.25 -18.59 12.65
N LEU B 79 -7.44 -18.29 13.94
CA LEU B 79 -6.41 -17.68 14.76
C LEU B 79 -4.93 -18.02 14.68
N ARG B 80 -4.21 -16.96 14.32
CA ARG B 80 -2.76 -16.88 14.15
C ARG B 80 -2.25 -16.80 12.73
N ALA B 81 -1.59 -17.86 12.27
CA ALA B 81 -1.01 -17.87 10.94
C ALA B 81 -1.88 -17.21 9.90
N ALA B 82 -3.19 -17.29 10.09
CA ALA B 82 -4.17 -16.72 9.17
C ALA B 82 -4.18 -15.20 9.03
N VAL B 83 -3.97 -14.49 10.12
CA VAL B 83 -3.98 -13.02 10.13
C VAL B 83 -3.25 -12.39 8.92
N PRO B 84 -2.00 -12.80 8.64
CA PRO B 84 -1.23 -12.24 7.52
C PRO B 84 -1.81 -12.60 6.13
N LEU B 85 -2.26 -13.83 5.99
CA LEU B 85 -2.84 -14.29 4.73
C LEU B 85 -4.13 -13.52 4.43
N VAL B 86 -4.93 -13.30 5.48
CA VAL B 86 -6.18 -12.58 5.37
C VAL B 86 -5.88 -11.14 4.99
N GLU B 87 -4.75 -10.63 5.48
CA GLU B 87 -4.31 -9.28 5.19
C GLU B 87 -4.08 -9.12 3.68
N GLY B 88 -3.89 -10.24 2.99
CA GLY B 88 -3.70 -10.19 1.56
C GLY B 88 -5.06 -10.29 0.89
N LEU B 89 -5.87 -11.23 1.38
CA LEU B 89 -7.21 -11.43 0.86
C LEU B 89 -8.01 -10.11 0.87
N LEU B 90 -7.88 -9.35 1.96
CA LEU B 90 -8.62 -8.10 2.05
C LEU B 90 -8.29 -7.11 0.94
N LYS B 91 -7.16 -7.32 0.28
CA LYS B 91 -6.74 -6.44 -0.81
C LYS B 91 -7.60 -6.75 -2.03
N ALA B 92 -8.23 -7.92 -2.00
CA ALA B 92 -9.08 -8.32 -3.09
C ALA B 92 -10.56 -8.29 -2.67
N PHE B 93 -10.82 -8.25 -1.37
CA PHE B 93 -12.19 -8.26 -0.87
C PHE B 93 -12.37 -7.26 0.26
N PRO B 94 -12.21 -5.97 -0.04
CA PRO B 94 -12.33 -4.85 0.90
C PRO B 94 -13.68 -4.80 1.60
N LYS B 95 -14.74 -5.14 0.87
CA LYS B 95 -16.09 -5.11 1.40
C LYS B 95 -16.46 -6.36 2.20
N ALA B 96 -15.48 -7.23 2.43
CA ALA B 96 -15.72 -8.46 3.17
C ALA B 96 -15.81 -8.23 4.67
N ARG B 97 -16.61 -9.04 5.35
CA ARG B 97 -16.74 -8.97 6.81
C ARG B 97 -15.83 -10.09 7.32
N GLN B 98 -15.39 -9.99 8.56
CA GLN B 98 -14.50 -11.00 9.08
C GLN B 98 -14.92 -11.75 10.33
N GLY B 99 -14.59 -13.03 10.35
CA GLY B 99 -14.88 -13.87 11.48
C GLY B 99 -13.54 -14.39 11.94
N VAL B 100 -13.42 -14.73 13.21
CA VAL B 100 -12.17 -15.27 13.71
C VAL B 100 -12.53 -16.51 14.48
N ILE B 101 -11.66 -17.51 14.42
CA ILE B 101 -11.94 -18.74 15.12
C ILE B 101 -10.72 -19.20 15.92
N GLY B 102 -10.96 -19.84 17.05
CA GLY B 102 -9.86 -20.34 17.85
C GLY B 102 -10.07 -21.82 18.05
N ALA B 103 -9.06 -22.62 17.71
CA ALA B 103 -9.18 -24.07 17.87
C ALA B 103 -7.80 -24.67 18.05
N SER B 104 -7.76 -25.89 18.56
CA SER B 104 -6.50 -26.56 18.79
C SER B 104 -6.71 -28.04 19.11
N ARG B 105 -5.69 -28.82 18.79
CA ARG B 105 -5.68 -30.28 18.98
C ARG B 105 -6.00 -30.65 20.42
N LYS B 115 -2.31 -37.80 11.41
CA LYS B 115 -3.07 -38.01 12.63
C LYS B 115 -4.57 -38.04 12.39
N ASP B 116 -5.34 -38.13 13.47
CA ASP B 116 -6.79 -38.18 13.41
C ASP B 116 -7.44 -37.45 14.60
N MET B 117 -6.68 -37.36 15.70
CA MET B 117 -7.15 -36.70 16.92
C MET B 117 -8.12 -35.53 16.68
N ASP B 118 -9.24 -35.56 17.40
CA ASP B 118 -10.26 -34.53 17.27
C ASP B 118 -9.76 -33.15 17.71
N VAL B 119 -10.29 -32.11 17.09
CA VAL B 119 -9.91 -30.73 17.43
C VAL B 119 -11.14 -29.99 17.97
N TYR B 120 -10.92 -29.21 19.02
CA TYR B 120 -11.96 -28.46 19.68
C TYR B 120 -11.94 -26.97 19.34
N ILE B 121 -13.12 -26.37 19.22
CA ILE B 121 -13.24 -24.94 18.96
C ILE B 121 -13.39 -24.31 20.35
N TYR B 122 -12.50 -23.39 20.70
CA TYR B 122 -12.57 -22.75 22.00
C TYR B 122 -12.98 -21.27 21.92
N TYR B 123 -12.97 -20.73 20.72
CA TYR B 123 -13.38 -19.35 20.51
C TYR B 123 -13.95 -19.19 19.12
N LYS B 124 -14.89 -18.27 18.97
CA LYS B 124 -15.51 -18.07 17.67
C LYS B 124 -16.49 -16.91 17.59
N LYS B 125 -16.13 -15.88 16.86
CA LYS B 125 -17.00 -14.74 16.65
C LYS B 125 -17.05 -14.55 15.14
N ILE B 126 -18.14 -15.02 14.56
CA ILE B 126 -18.32 -14.94 13.12
C ILE B 126 -19.52 -14.06 12.78
N PRO B 127 -19.36 -13.16 11.80
CA PRO B 127 -20.49 -12.31 11.43
C PRO B 127 -21.64 -13.21 10.96
N ASP B 128 -22.79 -12.62 10.66
CA ASP B 128 -23.92 -13.43 10.20
C ASP B 128 -23.83 -13.73 8.72
N ILE B 129 -23.69 -15.02 8.40
CA ILE B 129 -23.60 -15.43 7.02
C ILE B 129 -25.00 -15.51 6.42
N ARG B 130 -25.22 -14.68 5.41
CA ARG B 130 -26.51 -14.63 4.72
C ARG B 130 -26.66 -15.86 3.84
N ALA B 131 -27.55 -16.76 4.26
CA ALA B 131 -27.80 -17.99 3.52
C ALA B 131 -28.12 -17.74 2.03
N LYS B 132 -27.60 -18.59 1.16
CA LYS B 132 -27.86 -18.49 -0.29
C LYS B 132 -27.35 -17.24 -0.97
N VAL B 133 -26.51 -16.47 -0.29
CA VAL B 133 -26.00 -15.22 -0.86
C VAL B 133 -24.50 -15.03 -0.72
N ASP B 134 -24.03 -15.11 0.52
CA ASP B 134 -22.62 -14.95 0.85
C ASP B 134 -21.67 -16.00 0.28
N ASN B 135 -20.42 -15.57 0.15
CA ASN B 135 -19.32 -16.40 -0.30
C ASN B 135 -18.37 -16.39 0.88
N VAL B 136 -18.35 -17.47 1.64
CA VAL B 136 -17.48 -17.54 2.81
C VAL B 136 -16.10 -18.03 2.39
N ILE B 137 -15.07 -17.31 2.84
CA ILE B 137 -13.70 -17.67 2.52
C ILE B 137 -12.96 -18.00 3.81
N ILE B 138 -12.67 -19.28 4.01
CA ILE B 138 -11.98 -19.70 5.22
C ILE B 138 -10.49 -19.80 4.93
N ALA B 139 -9.70 -18.97 5.60
CA ALA B 139 -8.28 -18.95 5.36
C ALA B 139 -7.42 -19.50 6.49
N ASP B 140 -6.32 -20.13 6.08
CA ASP B 140 -5.34 -20.71 6.97
C ASP B 140 -4.25 -21.20 6.04
N PRO B 141 -3.03 -20.67 6.18
CA PRO B 141 -1.91 -21.06 5.33
C PRO B 141 -1.63 -22.56 5.17
N MET B 142 -1.87 -23.35 6.21
CA MET B 142 -1.58 -24.78 6.16
C MET B 142 -2.71 -25.75 6.50
N ILE B 143 -2.88 -26.77 5.66
CA ILE B 143 -3.89 -27.80 5.93
C ILE B 143 -3.13 -29.12 6.02
N ALA B 144 -2.92 -29.61 7.24
CA ALA B 144 -2.22 -30.89 7.43
C ALA B 144 -3.20 -32.07 7.43
N THR B 145 -3.60 -32.50 8.62
CA THR B 145 -4.54 -33.60 8.76
C THR B 145 -5.90 -33.14 8.27
N ALA B 146 -6.16 -31.84 8.35
CA ALA B 146 -7.43 -31.24 7.91
C ALA B 146 -8.47 -31.20 9.02
N SER B 147 -8.06 -31.49 10.23
CA SER B 147 -8.97 -31.46 11.36
C SER B 147 -9.43 -30.02 11.63
N THR B 148 -8.47 -29.11 11.87
CA THR B 148 -8.83 -27.73 12.15
C THR B 148 -9.85 -27.26 11.14
N MET B 149 -9.51 -27.41 9.87
CA MET B 149 -10.38 -26.98 8.77
C MET B 149 -11.78 -27.59 8.87
N LEU B 150 -11.86 -28.91 8.94
CA LEU B 150 -13.16 -29.58 9.03
C LEU B 150 -13.98 -29.12 10.21
N LYS B 151 -13.34 -28.91 11.36
CA LYS B 151 -14.11 -28.48 12.51
C LYS B 151 -14.75 -27.12 12.20
N VAL B 152 -13.99 -26.22 11.59
CA VAL B 152 -14.53 -24.90 11.26
C VAL B 152 -15.66 -25.07 10.25
N LEU B 153 -15.44 -25.96 9.30
CA LEU B 153 -16.44 -26.23 8.29
C LEU B 153 -17.83 -26.53 8.87
N GLU B 154 -17.88 -27.44 9.85
CA GLU B 154 -19.15 -27.79 10.49
C GLU B 154 -19.95 -26.53 10.76
N GLU B 155 -19.29 -25.63 11.48
CA GLU B 155 -19.88 -24.35 11.85
C GLU B 155 -20.36 -23.59 10.63
N VAL B 156 -19.51 -23.50 9.62
CA VAL B 156 -19.85 -22.78 8.40
C VAL B 156 -21.02 -23.36 7.59
N VAL B 157 -21.04 -24.66 7.32
CA VAL B 157 -22.14 -25.24 6.55
C VAL B 157 -23.51 -24.94 7.18
N LYS B 158 -23.59 -24.98 8.51
CA LYS B 158 -24.83 -24.67 9.22
C LYS B 158 -25.46 -23.39 8.70
N ALA B 159 -24.63 -22.40 8.40
CA ALA B 159 -25.08 -21.10 7.89
C ALA B 159 -25.56 -21.13 6.44
N ASN B 160 -25.40 -22.28 5.77
CA ASN B 160 -25.82 -22.44 4.39
C ASN B 160 -25.44 -21.22 3.51
N PRO B 161 -24.13 -21.03 3.26
CA PRO B 161 -23.68 -19.90 2.44
C PRO B 161 -23.76 -20.25 0.97
N LYS B 162 -23.84 -19.25 0.11
CA LYS B 162 -23.92 -19.49 -1.33
C LYS B 162 -22.76 -20.36 -1.82
N ARG B 163 -21.58 -20.09 -1.29
CA ARG B 163 -20.37 -20.82 -1.65
C ARG B 163 -19.39 -20.78 -0.50
N ILE B 164 -18.49 -21.77 -0.45
CA ILE B 164 -17.47 -21.80 0.56
C ILE B 164 -16.14 -21.99 -0.14
N TYR B 165 -15.17 -21.15 0.18
CA TYR B 165 -13.83 -21.26 -0.39
C TYR B 165 -12.88 -21.51 0.78
N ILE B 166 -11.78 -22.20 0.51
CA ILE B 166 -10.73 -22.42 1.50
C ILE B 166 -9.47 -21.92 0.81
N VAL B 167 -8.77 -21.02 1.48
CA VAL B 167 -7.54 -20.48 0.92
C VAL B 167 -6.39 -20.94 1.79
N SER B 168 -5.44 -21.62 1.16
CA SER B 168 -4.25 -22.12 1.85
C SER B 168 -3.07 -22.01 0.93
N ILE B 169 -1.88 -22.09 1.51
CA ILE B 169 -0.68 -22.02 0.70
C ILE B 169 -0.36 -23.46 0.31
N ILE B 170 -0.09 -24.28 1.33
CA ILE B 170 0.24 -25.69 1.14
C ILE B 170 -0.76 -26.58 1.88
N SER B 171 -1.13 -27.68 1.26
CA SER B 171 -2.06 -28.63 1.85
C SER B 171 -1.57 -30.03 1.51
N SER B 172 -1.72 -30.95 2.44
CA SER B 172 -1.29 -32.32 2.19
C SER B 172 -2.38 -33.01 1.38
N GLU B 173 -1.99 -34.08 0.69
CA GLU B 173 -2.95 -34.81 -0.12
C GLU B 173 -3.98 -35.37 0.82
N TYR B 174 -3.50 -35.86 1.95
CA TYR B 174 -4.41 -36.42 2.93
C TYR B 174 -5.54 -35.41 3.17
N GLY B 175 -5.17 -34.16 3.42
CA GLY B 175 -6.14 -33.12 3.70
C GLY B 175 -7.09 -32.80 2.57
N VAL B 176 -6.53 -32.48 1.40
CA VAL B 176 -7.35 -32.15 0.24
C VAL B 176 -8.45 -33.18 0.05
N ASN B 177 -8.06 -34.45 0.07
CA ASN B 177 -9.02 -35.52 -0.10
C ASN B 177 -9.99 -35.62 1.08
N LYS B 178 -9.47 -35.46 2.28
CA LYS B 178 -10.31 -35.51 3.46
C LYS B 178 -11.46 -34.52 3.28
N ILE B 179 -11.09 -33.27 3.00
CA ILE B 179 -12.03 -32.16 2.84
C ILE B 179 -12.97 -32.23 1.64
N LEU B 180 -12.42 -32.50 0.46
CA LEU B 180 -13.25 -32.56 -0.73
C LEU B 180 -14.14 -33.80 -0.81
N SER B 181 -13.81 -34.81 -0.01
CA SER B 181 -14.57 -36.05 0.03
C SER B 181 -15.90 -35.87 0.76
N LYS B 182 -15.93 -34.96 1.74
CA LYS B 182 -17.14 -34.72 2.50
C LYS B 182 -17.88 -33.47 2.07
N TYR B 183 -17.17 -32.60 1.34
CA TYR B 183 -17.74 -31.36 0.84
C TYR B 183 -17.29 -31.07 -0.58
N PRO B 184 -17.68 -31.92 -1.54
CA PRO B 184 -17.28 -31.72 -2.94
C PRO B 184 -17.64 -30.36 -3.55
N PHE B 185 -18.60 -29.66 -2.93
CA PHE B 185 -19.05 -28.36 -3.42
C PHE B 185 -18.14 -27.22 -2.99
N ILE B 186 -17.17 -27.54 -2.14
CA ILE B 186 -16.25 -26.54 -1.65
C ILE B 186 -15.10 -26.27 -2.62
N TYR B 187 -14.82 -24.98 -2.80
CA TYR B 187 -13.76 -24.49 -3.68
C TYR B 187 -12.48 -24.39 -2.85
N LEU B 188 -11.61 -25.37 -3.01
CA LEU B 188 -10.35 -25.38 -2.25
C LEU B 188 -9.19 -24.83 -3.08
N PHE B 189 -8.66 -23.69 -2.65
CA PHE B 189 -7.54 -23.07 -3.34
C PHE B 189 -6.28 -23.30 -2.54
N THR B 190 -5.18 -23.54 -3.25
CA THR B 190 -3.91 -23.78 -2.62
C THR B 190 -2.83 -23.61 -3.68
N VAL B 191 -1.60 -23.34 -3.25
CA VAL B 191 -0.49 -23.16 -4.18
C VAL B 191 0.22 -24.48 -4.43
N ALA B 192 0.30 -25.30 -3.39
CA ALA B 192 0.98 -26.58 -3.52
C ALA B 192 0.36 -27.63 -2.62
N ILE B 193 0.42 -28.88 -3.08
CA ILE B 193 -0.11 -30.00 -2.34
C ILE B 193 1.08 -30.89 -2.03
N ASP B 194 1.54 -30.83 -0.79
CA ASP B 194 2.67 -31.64 -0.38
C ASP B 194 2.23 -33.08 -0.11
N PRO B 195 3.08 -34.05 -0.47
CA PRO B 195 2.83 -35.48 -0.30
C PRO B 195 2.66 -36.06 1.10
N GLU B 196 3.42 -35.62 2.09
CA GLU B 196 3.27 -36.28 3.37
C GLU B 196 3.11 -35.50 4.66
N LEU B 197 2.71 -36.25 5.68
CA LEU B 197 2.52 -35.76 7.04
C LEU B 197 3.28 -36.77 7.91
N ASN B 198 4.35 -36.34 8.57
CA ASN B 198 5.10 -37.25 9.43
C ASN B 198 4.23 -37.69 10.63
N ASN B 199 4.88 -37.99 11.75
CA ASN B 199 4.15 -38.43 12.94
C ASN B 199 3.57 -37.28 13.75
N LYS B 200 4.32 -36.18 13.83
CA LYS B 200 3.89 -35.00 14.57
C LYS B 200 2.74 -34.27 13.86
N GLY B 201 2.40 -34.72 12.66
CA GLY B 201 1.32 -34.09 11.92
C GLY B 201 1.79 -32.91 11.07
N TYR B 202 3.09 -32.85 10.82
CA TYR B 202 3.68 -31.79 10.01
C TYR B 202 3.63 -32.10 8.52
N ILE B 203 3.61 -31.03 7.71
CA ILE B 203 3.57 -31.15 6.27
C ILE B 203 5.00 -31.16 5.74
N LEU B 204 5.30 -32.09 4.84
CA LEU B 204 6.64 -32.21 4.29
C LEU B 204 6.64 -32.14 2.77
N PRO B 205 7.54 -31.32 2.19
CA PRO B 205 8.52 -30.48 2.88
C PRO B 205 7.90 -29.39 3.74
N GLY B 206 6.74 -28.90 3.31
CA GLY B 206 6.08 -27.84 4.04
C GLY B 206 6.95 -26.61 4.10
N LEU B 207 6.81 -25.83 5.18
CA LEU B 207 7.60 -24.60 5.34
C LEU B 207 7.90 -24.31 6.81
N GLY B 208 7.68 -25.30 7.67
CA GLY B 208 7.91 -25.08 9.08
C GLY B 208 6.61 -24.57 9.67
N ASP B 209 6.71 -23.77 10.74
CA ASP B 209 5.50 -23.23 11.38
C ASP B 209 5.25 -21.78 10.95
N ALA B 210 4.25 -21.62 10.09
CA ALA B 210 3.87 -20.32 9.55
C ALA B 210 3.66 -19.30 10.66
N GLY B 211 2.82 -19.67 11.63
CA GLY B 211 2.55 -18.77 12.74
C GLY B 211 3.85 -18.24 13.31
N ASP B 212 4.75 -19.15 13.66
CA ASP B 212 6.03 -18.77 14.22
C ASP B 212 6.90 -17.93 13.28
N ARG B 213 7.03 -18.37 12.02
CA ARG B 213 7.85 -17.68 11.02
C ARG B 213 7.38 -16.25 10.74
N ALA B 214 6.08 -16.00 10.92
CA ALA B 214 5.51 -14.66 10.67
C ALA B 214 5.38 -13.80 11.92
N PHE B 215 4.77 -14.33 12.97
CA PHE B 215 4.60 -13.54 14.18
C PHE B 215 5.91 -13.37 14.95
N GLY B 216 6.83 -14.31 14.73
CA GLY B 216 8.15 -14.28 15.36
C GLY B 216 8.34 -14.43 16.87
N PRO C 2 7.27 31.15 5.00
CA PRO C 2 7.86 30.52 6.21
C PRO C 2 8.59 29.22 5.88
N LEU C 3 9.60 28.90 6.69
CA LEU C 3 10.39 27.69 6.49
C LEU C 3 9.98 26.59 7.47
N TYR C 4 9.76 25.38 6.96
CA TYR C 4 9.40 24.25 7.81
C TYR C 4 10.42 23.14 7.69
N VAL C 5 11.31 23.06 8.67
CA VAL C 5 12.33 22.01 8.67
C VAL C 5 11.80 20.83 9.47
N ILE C 6 11.54 19.69 8.81
CA ILE C 6 11.00 18.53 9.51
C ILE C 6 12.14 17.59 9.89
N ASP C 7 12.75 17.87 11.04
CA ASP C 7 13.87 17.06 11.52
C ASP C 7 13.58 16.20 12.75
N LYS C 8 12.42 15.53 12.74
CA LYS C 8 12.05 14.63 13.83
C LYS C 8 12.90 13.38 13.64
N PRO C 9 13.09 12.59 14.71
CA PRO C 9 13.91 11.38 14.55
C PRO C 9 13.50 10.52 13.35
N ILE C 10 12.21 10.31 13.16
CA ILE C 10 11.74 9.49 12.06
C ILE C 10 12.27 9.94 10.69
N THR C 11 12.10 11.22 10.35
CA THR C 11 12.58 11.71 9.06
C THR C 11 14.09 11.77 8.97
N LEU C 12 14.76 12.11 10.07
CA LEU C 12 16.23 12.18 10.06
C LEU C 12 16.79 10.78 9.89
N HIS C 13 16.05 9.80 10.35
CA HIS C 13 16.44 8.40 10.26
C HIS C 13 16.43 7.95 8.80
N ILE C 14 15.36 8.28 8.10
CA ILE C 14 15.20 7.96 6.69
C ILE C 14 16.22 8.75 5.86
N LEU C 15 16.36 10.05 6.16
CA LEU C 15 17.32 10.88 5.43
C LEU C 15 18.67 10.19 5.47
N THR C 16 19.08 9.77 6.65
CA THR C 16 20.37 9.10 6.81
C THR C 16 20.51 8.00 5.78
N GLN C 17 19.51 7.14 5.69
CA GLN C 17 19.54 6.05 4.74
C GLN C 17 19.66 6.58 3.30
N LEU C 18 19.02 7.70 3.01
CA LEU C 18 19.11 8.28 1.68
C LEU C 18 20.53 8.76 1.40
N ARG C 19 21.12 9.46 2.36
CA ARG C 19 22.49 9.98 2.22
C ARG C 19 23.50 8.85 2.07
N ASP C 20 23.30 7.76 2.81
CA ASP C 20 24.18 6.59 2.78
C ASP C 20 24.40 6.04 1.38
N LYS C 21 25.67 5.99 0.94
CA LYS C 21 26.02 5.47 -0.39
C LYS C 21 25.69 3.98 -0.53
N TYR C 22 25.47 3.28 0.58
CA TYR C 22 25.18 1.85 0.56
C TYR C 22 23.72 1.46 0.37
N THR C 23 22.84 2.46 0.22
CA THR C 23 21.41 2.22 0.03
C THR C 23 21.10 2.07 -1.47
N ASP C 24 20.56 0.92 -1.86
CA ASP C 24 20.28 0.65 -3.26
C ASP C 24 19.06 1.35 -3.85
N GLN C 25 18.87 1.17 -5.15
CA GLN C 25 17.77 1.77 -5.89
C GLN C 25 16.40 1.46 -5.31
N ILE C 26 16.22 0.24 -4.78
CA ILE C 26 14.96 -0.16 -4.18
C ILE C 26 14.70 0.61 -2.90
N ASN C 27 15.69 0.60 -2.04
CA ASN C 27 15.60 1.27 -0.76
C ASN C 27 15.68 2.78 -0.86
N PHE C 28 16.41 3.28 -1.85
CA PHE C 28 16.53 4.73 -2.01
C PHE C 28 15.17 5.27 -2.47
N ARG C 29 14.65 4.67 -3.53
CA ARG C 29 13.38 5.07 -4.11
C ARG C 29 12.27 4.91 -3.09
N LYS C 30 12.33 3.83 -2.33
CA LYS C 30 11.32 3.55 -1.33
C LYS C 30 11.30 4.58 -0.20
N ASN C 31 12.47 5.08 0.20
CA ASN C 31 12.52 6.08 1.26
C ASN C 31 12.06 7.44 0.74
N LEU C 32 12.21 7.68 -0.56
CA LEU C 32 11.74 8.94 -1.14
C LEU C 32 10.22 8.93 -1.04
N VAL C 33 9.64 7.74 -1.21
CA VAL C 33 8.20 7.60 -1.13
C VAL C 33 7.79 7.81 0.32
N ARG C 34 8.45 7.09 1.22
CA ARG C 34 8.15 7.20 2.63
C ARG C 34 8.16 8.66 3.11
N LEU C 35 9.21 9.40 2.78
CA LEU C 35 9.28 10.80 3.18
C LEU C 35 8.19 11.64 2.51
N GLY C 36 7.86 11.31 1.26
CA GLY C 36 6.82 12.04 0.58
C GLY C 36 5.49 12.00 1.34
N ARG C 37 5.09 10.84 1.83
CA ARG C 37 3.83 10.76 2.56
C ARG C 37 3.96 11.38 3.94
N ILE C 38 5.13 11.23 4.56
CA ILE C 38 5.36 11.82 5.88
C ILE C 38 5.31 13.36 5.81
N LEU C 39 5.99 13.95 4.83
CA LEU C 39 5.98 15.40 4.67
C LEU C 39 4.56 15.83 4.25
N GLY C 40 3.87 14.94 3.54
CA GLY C 40 2.51 15.24 3.12
C GLY C 40 1.64 15.50 4.34
N TYR C 41 1.81 14.67 5.36
CA TYR C 41 1.04 14.81 6.58
C TYR C 41 1.44 16.13 7.28
N GLU C 42 2.69 16.55 7.12
CA GLU C 42 3.12 17.77 7.74
C GLU C 42 2.43 18.94 7.04
N ILE C 43 2.38 18.90 5.72
CA ILE C 43 1.72 19.97 5.00
C ILE C 43 0.25 20.00 5.37
N SER C 44 -0.31 18.81 5.61
CA SER C 44 -1.71 18.66 5.98
C SER C 44 -2.09 19.42 7.24
N ASN C 45 -1.21 19.35 8.24
CA ASN C 45 -1.44 20.01 9.51
C ASN C 45 -1.45 21.52 9.40
N THR C 46 -1.00 22.04 8.26
CA THR C 46 -0.91 23.47 8.04
C THR C 46 -2.03 24.00 7.15
N LEU C 47 -2.85 23.10 6.62
CA LEU C 47 -3.93 23.52 5.74
C LEU C 47 -5.15 24.07 6.43
N ASP C 48 -5.99 24.73 5.64
CA ASP C 48 -7.22 25.32 6.14
C ASP C 48 -8.17 24.18 6.41
N TYR C 49 -8.97 24.31 7.46
CA TYR C 49 -9.92 23.28 7.81
C TYR C 49 -11.02 23.94 8.61
N GLU C 50 -12.24 23.46 8.45
CA GLU C 50 -13.34 24.03 9.20
C GLU C 50 -13.80 22.98 10.19
N ILE C 51 -14.48 23.42 11.24
CA ILE C 51 -14.96 22.52 12.26
C ILE C 51 -16.33 21.98 11.83
N VAL C 52 -16.53 20.67 11.98
CA VAL C 52 -17.80 20.09 11.59
C VAL C 52 -18.42 19.36 12.76
N GLU C 53 -19.63 18.87 12.53
CA GLU C 53 -20.38 18.11 13.50
C GLU C 53 -20.70 16.78 12.87
N VAL C 54 -20.58 15.72 13.64
CA VAL C 54 -20.91 14.39 13.14
C VAL C 54 -21.60 13.68 14.29
N GLU C 55 -22.46 12.72 13.96
CA GLU C 55 -23.15 11.97 14.99
C GLU C 55 -22.41 10.63 15.20
N THR C 56 -22.09 10.31 16.45
CA THR C 56 -21.39 9.07 16.71
C THR C 56 -22.43 7.98 16.90
N PRO C 57 -22.01 6.71 16.79
CA PRO C 57 -22.85 5.52 16.93
C PRO C 57 -23.77 5.41 18.16
N LEU C 58 -23.68 6.36 19.08
CA LEU C 58 -24.53 6.36 20.27
C LEU C 58 -25.49 7.52 20.16
N GLY C 59 -25.70 7.99 18.94
CA GLY C 59 -26.60 9.11 18.71
C GLY C 59 -26.24 10.40 19.46
N VAL C 60 -24.95 10.68 19.56
CA VAL C 60 -24.47 11.87 20.25
C VAL C 60 -23.64 12.71 19.28
N LYS C 61 -24.12 13.91 18.99
CA LYS C 61 -23.43 14.78 18.05
C LYS C 61 -22.27 15.50 18.73
N THR C 62 -21.15 15.58 18.04
CA THR C 62 -19.98 16.25 18.58
C THR C 62 -19.18 16.95 17.47
N LYS C 63 -18.30 17.86 17.86
CA LYS C 63 -17.47 18.59 16.90
C LYS C 63 -16.28 17.74 16.48
N GLY C 64 -15.83 17.95 15.26
CA GLY C 64 -14.70 17.21 14.76
C GLY C 64 -13.87 18.09 13.84
N VAL C 65 -13.14 17.47 12.93
CA VAL C 65 -12.32 18.22 12.01
C VAL C 65 -12.43 17.71 10.59
N ASP C 66 -12.33 18.63 9.64
CA ASP C 66 -12.44 18.28 8.24
C ASP C 66 -11.52 19.17 7.40
N ILE C 67 -10.36 18.65 7.02
CA ILE C 67 -9.42 19.41 6.20
C ILE C 67 -9.89 19.46 4.75
N THR C 68 -11.00 20.16 4.48
CA THR C 68 -11.53 20.23 3.12
C THR C 68 -10.51 20.68 2.06
N ASP C 69 -9.59 21.55 2.45
CA ASP C 69 -8.59 22.02 1.50
C ASP C 69 -7.87 20.82 0.87
N LEU C 70 -8.12 19.62 1.41
CA LEU C 70 -7.54 18.41 0.86
C LEU C 70 -8.18 18.14 -0.50
N ASN C 71 -9.20 18.91 -0.85
CA ASN C 71 -9.88 18.73 -2.12
C ASN C 71 -9.33 19.69 -3.16
N ASN C 72 -8.51 20.64 -2.71
CA ASN C 72 -7.95 21.62 -3.62
C ASN C 72 -6.41 21.59 -3.68
N ILE C 73 -5.86 20.46 -4.10
CA ILE C 73 -4.40 20.34 -4.18
C ILE C 73 -3.95 20.18 -5.64
N VAL C 74 -2.89 20.89 -6.02
CA VAL C 74 -2.34 20.74 -7.37
C VAL C 74 -0.82 20.50 -7.25
N ILE C 75 -0.41 19.24 -7.17
CA ILE C 75 1.00 18.90 -7.03
C ILE C 75 1.76 19.02 -8.36
N ILE C 76 2.99 19.52 -8.32
CA ILE C 76 3.81 19.66 -9.54
C ILE C 76 5.11 18.84 -9.49
N ASN C 77 5.29 17.93 -10.44
CA ASN C 77 6.49 17.08 -10.53
C ASN C 77 7.65 17.80 -11.23
N ILE C 78 8.75 18.04 -10.52
CA ILE C 78 9.92 18.61 -11.19
C ILE C 78 10.55 17.31 -11.69
N LEU C 79 10.25 17.00 -12.95
CA LEU C 79 10.68 15.75 -13.58
C LEU C 79 11.93 14.97 -13.19
N ARG C 80 11.62 13.71 -12.92
CA ARG C 80 12.52 12.61 -12.51
C ARG C 80 12.65 12.35 -11.03
N ALA C 81 13.70 12.85 -10.39
CA ALA C 81 13.88 12.60 -8.96
C ALA C 81 12.59 12.78 -8.15
N ALA C 82 11.68 13.62 -8.65
CA ALA C 82 10.44 13.95 -7.99
C ALA C 82 9.33 12.91 -7.99
N VAL C 83 9.27 12.09 -9.03
CA VAL C 83 8.23 11.08 -9.16
C VAL C 83 8.01 10.23 -7.91
N PRO C 84 9.08 9.64 -7.34
CA PRO C 84 8.90 8.83 -6.13
C PRO C 84 8.39 9.70 -4.97
N LEU C 85 8.91 10.92 -4.90
CA LEU C 85 8.52 11.85 -3.86
C LEU C 85 7.03 12.20 -3.98
N VAL C 86 6.58 12.46 -5.20
CA VAL C 86 5.18 12.80 -5.42
C VAL C 86 4.30 11.58 -5.11
N GLU C 87 4.81 10.38 -5.37
CA GLU C 87 4.06 9.15 -5.09
C GLU C 87 3.58 9.12 -3.64
N GLY C 88 4.48 9.43 -2.70
CA GLY C 88 4.11 9.43 -1.30
C GLY C 88 3.17 10.59 -0.99
N LEU C 89 3.47 11.78 -1.52
CA LEU C 89 2.60 12.93 -1.28
C LEU C 89 1.18 12.56 -1.67
N LEU C 90 1.03 11.83 -2.77
CA LEU C 90 -0.29 11.42 -3.22
C LEU C 90 -1.00 10.56 -2.17
N LYS C 91 -0.23 9.99 -1.26
CA LYS C 91 -0.78 9.15 -0.19
C LYS C 91 -1.47 10.06 0.82
N ALA C 92 -1.13 11.34 0.76
CA ALA C 92 -1.70 12.33 1.66
C ALA C 92 -2.66 13.26 0.91
N PHE C 93 -2.56 13.31 -0.41
CA PHE C 93 -3.41 14.19 -1.21
C PHE C 93 -3.90 13.45 -2.43
N PRO C 94 -4.64 12.37 -2.22
CA PRO C 94 -5.17 11.55 -3.31
C PRO C 94 -6.01 12.35 -4.31
N LYS C 95 -6.77 13.31 -3.81
CA LYS C 95 -7.63 14.08 -4.68
C LYS C 95 -6.93 15.22 -5.41
N ALA C 96 -5.61 15.30 -5.26
CA ALA C 96 -4.82 16.34 -5.90
C ALA C 96 -4.69 16.12 -7.40
N ARG C 97 -4.59 17.21 -8.17
CA ARG C 97 -4.39 17.10 -9.61
C ARG C 97 -2.90 17.30 -9.76
N GLN C 98 -2.27 16.50 -10.60
CA GLN C 98 -0.82 16.60 -10.77
C GLN C 98 -0.32 17.36 -11.97
N GLY C 99 0.87 17.92 -11.82
CA GLY C 99 1.45 18.67 -12.92
C GLY C 99 2.82 18.09 -13.16
N VAL C 100 3.24 18.05 -14.41
CA VAL C 100 4.55 17.53 -14.74
C VAL C 100 5.32 18.65 -15.39
N ILE C 101 6.62 18.70 -15.15
CA ILE C 101 7.43 19.76 -15.71
C ILE C 101 8.91 19.41 -15.74
N GLY C 102 9.48 19.37 -16.94
CA GLY C 102 10.88 19.03 -17.09
C GLY C 102 11.77 20.21 -17.42
N ALA C 103 12.80 20.43 -16.62
CA ALA C 103 13.69 21.55 -16.86
C ALA C 103 15.15 21.11 -16.91
N SER C 104 16.05 22.08 -17.03
CA SER C 104 17.47 21.82 -17.10
C SER C 104 18.26 23.12 -17.06
N ARG C 105 19.53 23.01 -16.65
CA ARG C 105 20.46 24.13 -16.51
C ARG C 105 20.70 24.92 -17.81
N VAL C 106 21.85 25.58 -17.87
CA VAL C 106 22.28 26.37 -19.02
C VAL C 106 21.15 27.18 -19.65
N LYS C 115 28.35 32.53 -11.36
CA LYS C 115 28.13 31.09 -11.43
C LYS C 115 26.88 30.68 -10.64
N ASP C 116 25.84 30.27 -11.37
CA ASP C 116 24.58 29.82 -10.79
C ASP C 116 23.64 29.55 -11.97
N MET C 117 24.26 29.47 -13.16
CA MET C 117 23.60 29.21 -14.45
C MET C 117 22.10 28.94 -14.28
N ASP C 118 21.26 29.74 -14.93
CA ASP C 118 19.81 29.56 -14.80
C ASP C 118 19.17 28.47 -15.68
N VAL C 119 17.85 28.50 -15.86
CA VAL C 119 17.20 27.40 -16.60
C VAL C 119 16.17 27.64 -17.72
N TYR C 120 15.98 26.59 -18.52
CA TYR C 120 15.06 26.54 -19.67
C TYR C 120 14.07 25.38 -19.56
N ILE C 121 12.78 25.67 -19.75
CA ILE C 121 11.69 24.69 -19.67
C ILE C 121 11.59 23.75 -20.86
N TYR C 122 11.85 22.45 -20.65
CA TYR C 122 11.75 21.46 -21.73
C TYR C 122 10.29 21.07 -21.99
N TYR C 123 9.64 20.56 -20.94
CA TYR C 123 8.25 20.15 -21.00
C TYR C 123 7.46 20.79 -19.85
N LYS C 124 6.17 21.00 -20.07
CA LYS C 124 5.35 21.62 -19.04
C LYS C 124 3.85 21.38 -19.21
N LYS C 125 3.27 20.53 -18.37
CA LYS C 125 1.84 20.27 -18.42
C LYS C 125 1.31 20.40 -17.01
N ILE C 126 0.75 21.57 -16.73
CA ILE C 126 0.20 21.88 -15.42
C ILE C 126 -1.30 22.07 -15.52
N PRO C 127 -2.06 21.32 -14.73
CA PRO C 127 -3.52 21.49 -14.81
C PRO C 127 -3.94 22.88 -14.34
N ASP C 128 -5.12 23.31 -14.75
CA ASP C 128 -5.66 24.64 -14.41
C ASP C 128 -5.83 24.95 -12.93
N ILE C 129 -4.98 25.85 -12.44
CA ILE C 129 -4.98 26.26 -11.04
C ILE C 129 -6.04 27.31 -10.75
N ARG C 130 -6.87 27.04 -9.75
CA ARG C 130 -7.95 27.94 -9.34
C ARG C 130 -7.45 29.04 -8.42
N ALA C 131 -7.40 30.27 -8.95
CA ALA C 131 -6.92 31.42 -8.19
C ALA C 131 -7.61 31.56 -6.83
N LYS C 132 -6.81 31.82 -5.80
CA LYS C 132 -7.25 31.97 -4.41
C LYS C 132 -8.00 30.76 -3.84
N VAL C 133 -7.81 29.59 -4.44
CA VAL C 133 -8.51 28.37 -3.99
C VAL C 133 -7.59 27.15 -3.86
N ASP C 134 -6.77 26.91 -4.88
CA ASP C 134 -5.84 25.78 -4.87
C ASP C 134 -4.62 26.02 -4.01
N ASN C 135 -4.11 24.93 -3.47
CA ASN C 135 -2.89 24.90 -2.68
C ASN C 135 -1.95 24.16 -3.61
N VAL C 136 -1.04 24.88 -4.23
CA VAL C 136 -0.10 24.24 -5.15
C VAL C 136 1.10 23.71 -4.37
N ILE C 137 1.45 22.46 -4.64
CA ILE C 137 2.59 21.84 -3.98
C ILE C 137 3.64 21.46 -5.04
N ILE C 138 4.79 22.12 -4.99
CA ILE C 138 5.86 21.81 -5.94
C ILE C 138 6.87 20.86 -5.29
N ALA C 139 7.02 19.69 -5.90
CA ALA C 139 7.91 18.67 -5.36
C ALA C 139 9.26 18.58 -6.08
N ASP C 140 10.31 18.35 -5.30
CA ASP C 140 11.65 18.20 -5.86
C ASP C 140 12.59 17.99 -4.68
N PRO C 141 13.03 16.74 -4.46
CA PRO C 141 13.93 16.36 -3.37
C PRO C 141 15.17 17.21 -3.07
N MET C 142 15.82 17.75 -4.10
CA MET C 142 17.03 18.55 -3.91
C MET C 142 16.95 19.98 -4.43
N ILE C 143 17.12 20.95 -3.53
CA ILE C 143 17.12 22.36 -3.90
C ILE C 143 18.51 22.93 -3.64
N ALA C 144 19.34 22.96 -4.69
CA ALA C 144 20.71 23.45 -4.59
C ALA C 144 20.85 24.96 -4.81
N THR C 145 20.87 25.39 -6.06
CA THR C 145 21.00 26.80 -6.37
C THR C 145 19.63 27.45 -6.55
N ALA C 146 18.58 26.68 -6.24
CA ALA C 146 17.18 27.11 -6.30
C ALA C 146 16.70 27.73 -7.61
N SER C 147 17.44 27.52 -8.69
CA SER C 147 17.06 28.08 -9.99
C SER C 147 15.91 27.29 -10.59
N THR C 148 16.07 25.96 -10.68
CA THR C 148 15.00 25.13 -11.21
C THR C 148 13.73 25.57 -10.49
N MET C 149 13.77 25.56 -9.17
CA MET C 149 12.62 25.94 -8.36
C MET C 149 12.05 27.31 -8.74
N LEU C 150 12.88 28.34 -8.69
CA LEU C 150 12.44 29.69 -9.03
C LEU C 150 11.84 29.77 -10.43
N LYS C 151 12.39 29.04 -11.38
CA LYS C 151 11.83 29.11 -12.73
C LYS C 151 10.43 28.57 -12.74
N VAL C 152 10.19 27.50 -11.99
CA VAL C 152 8.85 26.94 -11.94
C VAL C 152 7.91 27.91 -11.21
N LEU C 153 8.39 28.50 -10.12
CA LEU C 153 7.57 29.44 -9.37
C LEU C 153 7.07 30.55 -10.25
N GLU C 154 7.96 31.07 -11.08
CA GLU C 154 7.66 32.14 -12.01
C GLU C 154 6.37 31.90 -12.80
N GLU C 155 5.99 30.63 -12.96
CA GLU C 155 4.78 30.28 -13.70
C GLU C 155 3.58 30.09 -12.79
N VAL C 156 3.82 29.36 -11.70
CA VAL C 156 2.77 29.08 -10.72
C VAL C 156 2.24 30.36 -10.09
N VAL C 157 3.14 31.24 -9.67
CA VAL C 157 2.75 32.49 -9.04
C VAL C 157 1.80 33.29 -9.90
N LYS C 158 1.96 33.21 -11.22
CA LYS C 158 1.08 33.93 -12.14
C LYS C 158 -0.36 33.49 -11.95
N ALA C 159 -0.55 32.23 -11.55
CA ALA C 159 -1.88 31.66 -11.36
C ALA C 159 -2.49 32.00 -10.00
N ASN C 160 -1.82 32.85 -9.25
CA ASN C 160 -2.26 33.24 -7.90
C ASN C 160 -2.99 32.13 -7.15
N PRO C 161 -2.27 31.06 -6.81
CA PRO C 161 -2.98 30.01 -6.08
C PRO C 161 -3.18 30.54 -4.66
N LYS C 162 -4.06 29.90 -3.89
CA LYS C 162 -4.32 30.31 -2.49
C LYS C 162 -3.02 30.27 -1.69
N ARG C 163 -2.19 29.29 -2.01
CA ARG C 163 -0.91 29.12 -1.34
C ARG C 163 0.02 28.34 -2.23
N ILE C 164 1.27 28.31 -1.83
CA ILE C 164 2.27 27.55 -2.56
C ILE C 164 3.17 26.88 -1.55
N TYR C 165 3.34 25.58 -1.71
CA TYR C 165 4.21 24.84 -0.84
C TYR C 165 5.31 24.30 -1.72
N ILE C 166 6.46 24.04 -1.10
CA ILE C 166 7.60 23.47 -1.79
C ILE C 166 7.97 22.30 -0.90
N VAL C 167 8.08 21.11 -1.47
CA VAL C 167 8.45 19.93 -0.70
C VAL C 167 9.78 19.41 -1.21
N SER C 168 10.76 19.34 -0.32
CA SER C 168 12.07 18.83 -0.68
C SER C 168 12.60 18.02 0.48
N ILE C 169 13.59 17.18 0.21
CA ILE C 169 14.23 16.37 1.25
C ILE C 169 15.36 17.24 1.82
N ILE C 170 16.30 17.62 0.95
CA ILE C 170 17.43 18.47 1.36
C ILE C 170 17.51 19.72 0.49
N SER C 171 17.92 20.82 1.08
CA SER C 171 18.07 22.07 0.33
C SER C 171 19.18 22.87 0.97
N SER C 172 19.92 23.60 0.14
CA SER C 172 21.04 24.39 0.61
C SER C 172 20.56 25.69 1.24
N GLU C 173 21.36 26.28 2.13
CA GLU C 173 20.97 27.53 2.77
C GLU C 173 20.92 28.61 1.70
N TYR C 174 21.77 28.48 0.68
CA TYR C 174 21.76 29.43 -0.40
C TYR C 174 20.36 29.43 -1.01
N GLY C 175 19.86 28.23 -1.31
CA GLY C 175 18.55 28.10 -1.91
C GLY C 175 17.38 28.60 -1.06
N VAL C 176 17.29 28.07 0.15
CA VAL C 176 16.21 28.45 1.06
C VAL C 176 16.07 29.96 1.09
N ASN C 177 17.20 30.64 1.25
CA ASN C 177 17.22 32.10 1.30
C ASN C 177 16.85 32.75 -0.04
N LYS C 178 17.39 32.26 -1.15
CA LYS C 178 17.03 32.88 -2.41
C LYS C 178 15.54 32.72 -2.72
N ILE C 179 14.95 31.60 -2.28
CA ILE C 179 13.53 31.37 -2.54
C ILE C 179 12.62 32.16 -1.60
N LEU C 180 12.90 32.10 -0.30
CA LEU C 180 12.08 32.81 0.66
C LEU C 180 12.26 34.33 0.61
N SER C 181 13.31 34.79 -0.07
CA SER C 181 13.55 36.23 -0.19
C SER C 181 12.77 36.86 -1.33
N LYS C 182 12.42 36.06 -2.33
CA LYS C 182 11.68 36.58 -3.46
C LYS C 182 10.18 36.40 -3.29
N TYR C 183 9.80 35.27 -2.71
CA TYR C 183 8.40 34.93 -2.43
C TYR C 183 8.38 34.56 -0.95
N PRO C 184 8.07 35.54 -0.09
CA PRO C 184 8.01 35.39 1.37
C PRO C 184 6.83 34.59 1.89
N PHE C 185 5.73 34.61 1.15
CA PHE C 185 4.50 33.93 1.52
C PHE C 185 4.52 32.40 1.32
N ILE C 186 5.52 31.92 0.61
CA ILE C 186 5.67 30.50 0.34
C ILE C 186 6.00 29.64 1.57
N TYR C 187 5.46 28.43 1.58
CA TYR C 187 5.66 27.46 2.65
C TYR C 187 6.69 26.46 2.15
N LEU C 188 7.93 26.62 2.59
CA LEU C 188 9.00 25.72 2.16
C LEU C 188 9.24 24.61 3.17
N PHE C 189 8.95 23.36 2.78
CA PHE C 189 9.18 22.21 3.66
C PHE C 189 10.42 21.47 3.20
N THR C 190 11.19 20.99 4.16
CA THR C 190 12.41 20.27 3.84
C THR C 190 12.82 19.51 5.11
N VAL C 191 13.57 18.43 4.95
CA VAL C 191 14.03 17.63 6.09
C VAL C 191 15.36 18.15 6.62
N ALA C 192 16.21 18.59 5.72
CA ALA C 192 17.51 19.11 6.10
C ALA C 192 17.98 20.24 5.20
N ILE C 193 18.75 21.15 5.80
CA ILE C 193 19.30 22.28 5.06
C ILE C 193 20.81 22.09 5.11
N ASP C 194 21.38 21.65 4.00
CA ASP C 194 22.82 21.45 3.93
C ASP C 194 23.54 22.77 3.72
N PRO C 195 24.72 22.91 4.37
CA PRO C 195 25.64 24.06 4.38
C PRO C 195 26.18 24.63 3.07
N GLU C 196 26.88 23.81 2.28
CA GLU C 196 27.50 24.31 1.05
C GLU C 196 27.14 23.61 -0.24
N LEU C 197 27.78 24.08 -1.31
CA LEU C 197 27.62 23.53 -2.66
C LEU C 197 28.87 23.93 -3.47
N ASN C 198 29.48 22.96 -4.13
CA ASN C 198 30.68 23.20 -4.90
C ASN C 198 30.60 24.08 -6.16
N ASN C 199 31.72 24.14 -6.88
CA ASN C 199 31.86 24.93 -8.10
C ASN C 199 30.93 24.42 -9.18
N LYS C 200 30.52 23.17 -9.05
CA LYS C 200 29.64 22.52 -10.01
C LYS C 200 28.18 22.89 -9.71
N GLY C 201 27.76 22.73 -8.46
CA GLY C 201 26.40 23.04 -8.09
C GLY C 201 25.70 21.95 -7.29
N TYR C 202 26.43 20.98 -6.79
CA TYR C 202 25.79 19.95 -6.01
C TYR C 202 25.69 20.34 -4.53
N ILE C 203 24.69 19.79 -3.85
CA ILE C 203 24.50 20.09 -2.45
C ILE C 203 25.42 19.15 -1.68
N LEU C 204 26.20 19.70 -0.76
CA LEU C 204 27.14 18.91 0.03
C LEU C 204 26.82 18.86 1.53
N PRO C 205 26.90 17.67 2.14
CA PRO C 205 27.27 16.41 1.48
C PRO C 205 26.15 15.79 0.65
N GLY C 206 24.92 16.20 0.92
CA GLY C 206 23.79 15.68 0.18
C GLY C 206 23.58 14.17 0.11
N LEU C 207 23.20 13.72 -1.08
CA LEU C 207 22.91 12.30 -1.31
C LEU C 207 23.17 11.85 -2.76
N GLY C 208 23.77 12.72 -3.56
CA GLY C 208 24.04 12.36 -4.93
C GLY C 208 22.89 12.72 -5.84
N ASP C 209 22.85 12.07 -6.99
CA ASP C 209 21.82 12.30 -8.00
C ASP C 209 20.60 11.47 -7.58
N ALA C 210 19.59 12.14 -7.03
CA ALA C 210 18.39 11.44 -6.59
C ALA C 210 17.78 10.65 -7.75
N GLY C 211 17.61 11.31 -8.89
CA GLY C 211 17.06 10.66 -10.06
C GLY C 211 17.81 9.39 -10.42
N ASP C 212 19.14 9.45 -10.44
CA ASP C 212 19.94 8.29 -10.77
C ASP C 212 19.94 7.20 -9.69
N ARG C 213 19.93 7.61 -8.43
CA ARG C 213 19.89 6.66 -7.33
C ARG C 213 18.52 5.94 -7.34
N ALA C 214 17.46 6.69 -7.62
CA ALA C 214 16.11 6.15 -7.68
C ALA C 214 15.76 5.36 -8.95
N PHE C 215 15.99 5.96 -10.12
CA PHE C 215 15.69 5.34 -11.40
C PHE C 215 16.74 4.36 -11.95
N GLY C 216 17.99 4.49 -11.47
CA GLY C 216 19.04 3.60 -11.95
C GLY C 216 19.57 4.01 -13.31
N PRO D 2 3.88 8.96 31.04
CA PRO D 2 3.48 10.23 30.40
C PRO D 2 2.36 10.03 29.38
N LEU D 3 1.55 11.06 29.19
CA LEU D 3 0.41 11.01 28.25
C LEU D 3 0.74 11.74 26.94
N TYR D 4 0.47 11.09 25.82
CA TYR D 4 0.72 11.70 24.52
C TYR D 4 -0.57 11.78 23.71
N VAL D 5 -1.19 12.96 23.70
CA VAL D 5 -2.41 13.14 22.93
C VAL D 5 -2.03 13.68 21.57
N ILE D 6 -2.25 12.89 20.52
CA ILE D 6 -1.90 13.31 19.18
C ILE D 6 -3.12 13.91 18.48
N ASP D 7 -3.36 15.19 18.72
CA ASP D 7 -4.50 15.90 18.15
C ASP D 7 -4.16 16.91 17.05
N LYS D 8 -3.27 16.54 16.14
CA LYS D 8 -2.91 17.43 15.04
C LYS D 8 -4.09 17.37 14.08
N PRO D 9 -4.22 18.36 13.18
CA PRO D 9 -5.34 18.35 12.23
C PRO D 9 -5.48 17.02 11.47
N ILE D 10 -4.37 16.46 11.02
CA ILE D 10 -4.42 15.21 10.28
C ILE D 10 -5.12 14.08 11.06
N THR D 11 -4.69 13.81 12.29
CA THR D 11 -5.31 12.75 13.07
C THR D 11 -6.75 13.09 13.50
N LEU D 12 -7.02 14.35 13.84
CA LEU D 12 -8.36 14.75 14.23
C LEU D 12 -9.33 14.63 13.06
N HIS D 13 -8.78 14.79 11.86
CA HIS D 13 -9.55 14.69 10.63
C HIS D 13 -10.00 13.25 10.41
N ILE D 14 -9.07 12.31 10.60
CA ILE D 14 -9.36 10.88 10.45
C ILE D 14 -10.29 10.42 11.57
N LEU D 15 -10.01 10.85 12.81
CA LEU D 15 -10.84 10.48 13.94
C LEU D 15 -12.30 10.84 13.59
N THR D 16 -12.50 12.08 13.13
CA THR D 16 -13.83 12.51 12.77
C THR D 16 -14.51 11.48 11.90
N GLN D 17 -13.83 11.03 10.85
CA GLN D 17 -14.43 10.03 9.98
C GLN D 17 -14.78 8.77 10.76
N LEU D 18 -13.88 8.36 11.67
CA LEU D 18 -14.13 7.17 12.46
C LEU D 18 -15.38 7.33 13.31
N ARG D 19 -15.52 8.49 13.96
CA ARG D 19 -16.68 8.77 14.80
C ARG D 19 -17.98 8.81 14.01
N ASP D 20 -17.92 9.37 12.80
CA ASP D 20 -19.07 9.49 11.91
C ASP D 20 -19.73 8.12 11.76
N LYS D 21 -20.86 7.94 12.45
CA LYS D 21 -21.59 6.68 12.43
C LYS D 21 -21.80 6.19 11.00
N TYR D 22 -21.90 7.13 10.07
CA TYR D 22 -22.13 6.79 8.66
C TYR D 22 -20.90 6.29 7.91
N THR D 23 -19.76 6.26 8.58
CA THR D 23 -18.55 5.79 7.96
C THR D 23 -18.65 4.30 7.78
N ASP D 24 -18.81 3.86 6.52
CA ASP D 24 -18.96 2.44 6.22
C ASP D 24 -17.76 1.62 6.71
N GLN D 25 -17.89 0.29 6.67
CA GLN D 25 -16.85 -0.59 7.16
C GLN D 25 -15.46 -0.45 6.54
N ILE D 26 -15.37 -0.46 5.22
CA ILE D 26 -14.07 -0.35 4.56
C ILE D 26 -13.36 0.88 5.12
N ASN D 27 -13.93 2.05 4.82
CA ASN D 27 -13.35 3.31 5.25
C ASN D 27 -13.03 3.35 6.73
N PHE D 28 -13.82 2.65 7.53
CA PHE D 28 -13.58 2.64 8.97
C PHE D 28 -12.30 1.87 9.25
N ARG D 29 -12.25 0.66 8.70
CA ARG D 29 -11.09 -0.20 8.88
C ARG D 29 -9.85 0.52 8.35
N LYS D 30 -9.99 1.11 7.16
CA LYS D 30 -8.88 1.79 6.51
C LYS D 30 -8.31 2.94 7.32
N ASN D 31 -9.17 3.70 7.99
CA ASN D 31 -8.69 4.81 8.80
C ASN D 31 -8.02 4.29 10.06
N LEU D 32 -8.41 3.11 10.54
CA LEU D 32 -7.76 2.54 11.72
C LEU D 32 -6.33 2.20 11.34
N VAL D 33 -6.14 1.76 10.11
CA VAL D 33 -4.80 1.45 9.63
C VAL D 33 -4.01 2.74 9.49
N ARG D 34 -4.59 3.72 8.83
CA ARG D 34 -3.95 5.00 8.64
C ARG D 34 -3.46 5.58 9.96
N LEU D 35 -4.31 5.57 10.98
CA LEU D 35 -3.92 6.11 12.30
C LEU D 35 -2.85 5.24 12.96
N GLY D 36 -2.92 3.93 12.73
CA GLY D 36 -1.94 3.03 13.29
C GLY D 36 -0.54 3.40 12.80
N ARG D 37 -0.43 3.66 11.50
CA ARG D 37 0.85 4.04 10.93
C ARG D 37 1.28 5.42 11.46
N ILE D 38 0.37 6.38 11.43
CA ILE D 38 0.67 7.74 11.90
C ILE D 38 1.07 7.74 13.37
N LEU D 39 0.32 7.01 14.18
CA LEU D 39 0.63 6.94 15.60
C LEU D 39 1.99 6.25 15.84
N GLY D 40 2.35 5.32 14.96
CA GLY D 40 3.63 4.62 15.08
C GLY D 40 4.79 5.56 14.81
N TYR D 41 4.66 6.38 13.78
CA TYR D 41 5.70 7.34 13.42
C TYR D 41 5.89 8.31 14.58
N GLU D 42 4.85 8.53 15.35
CA GLU D 42 4.89 9.42 16.50
C GLU D 42 5.66 8.71 17.61
N ILE D 43 5.41 7.42 17.78
CA ILE D 43 6.11 6.67 18.81
C ILE D 43 7.60 6.55 18.45
N SER D 44 7.88 6.34 17.18
CA SER D 44 9.25 6.23 16.71
C SER D 44 10.04 7.47 17.11
N ASN D 45 9.37 8.60 17.17
CA ASN D 45 10.01 9.86 17.52
C ASN D 45 10.41 9.98 18.99
N THR D 46 9.94 9.07 19.83
CA THR D 46 10.27 9.10 21.24
C THR D 46 11.24 7.98 21.62
N LEU D 47 11.45 7.04 20.70
CA LEU D 47 12.36 5.93 20.92
C LEU D 47 13.82 6.37 21.03
N ASP D 48 14.58 5.67 21.85
CA ASP D 48 15.99 5.94 22.04
C ASP D 48 16.72 5.81 20.70
N TYR D 49 17.42 6.85 20.28
CA TYR D 49 18.18 6.78 19.04
C TYR D 49 19.68 7.03 19.26
N GLU D 50 20.47 6.74 18.25
CA GLU D 50 21.92 6.90 18.35
C GLU D 50 22.39 7.67 17.11
N ILE D 51 23.34 8.58 17.29
CA ILE D 51 23.86 9.31 16.15
C ILE D 51 24.85 8.38 15.49
N VAL D 52 24.92 8.45 14.18
CA VAL D 52 25.85 7.62 13.42
C VAL D 52 26.47 8.47 12.35
N GLU D 53 27.24 7.83 11.47
CA GLU D 53 27.91 8.51 10.37
C GLU D 53 27.83 7.64 9.11
N VAL D 54 27.28 8.18 8.03
CA VAL D 54 27.16 7.43 6.77
C VAL D 54 28.02 8.10 5.70
N GLU D 55 28.11 7.49 4.53
CA GLU D 55 28.93 8.04 3.45
C GLU D 55 28.13 8.41 2.20
N THR D 56 28.08 9.69 1.85
CA THR D 56 27.35 10.06 0.64
C THR D 56 28.15 9.54 -0.54
N PRO D 57 27.51 9.36 -1.71
CA PRO D 57 28.30 8.87 -2.84
C PRO D 57 29.38 9.92 -3.17
N LEU D 58 29.10 11.16 -2.78
CA LEU D 58 30.01 12.29 -2.99
C LEU D 58 31.31 12.07 -2.21
N GLY D 59 31.56 10.83 -1.81
CA GLY D 59 32.77 10.51 -1.06
C GLY D 59 32.80 11.14 0.34
N VAL D 60 32.16 12.31 0.44
CA VAL D 60 32.08 13.06 1.70
C VAL D 60 31.42 12.22 2.80
N LYS D 61 31.42 12.75 4.01
CA LYS D 61 30.79 12.08 5.12
C LYS D 61 29.86 13.03 5.86
N THR D 62 28.86 12.47 6.52
CA THR D 62 27.90 13.27 7.25
C THR D 62 27.35 12.48 8.42
N LYS D 63 27.03 13.19 9.50
CA LYS D 63 26.46 12.55 10.67
C LYS D 63 25.01 12.24 10.34
N GLY D 64 24.46 11.21 10.96
CA GLY D 64 23.09 10.85 10.69
C GLY D 64 22.41 10.30 11.93
N VAL D 65 21.14 9.93 11.77
CA VAL D 65 20.38 9.37 12.88
C VAL D 65 19.98 7.94 12.58
N ASP D 66 19.98 7.12 13.62
CA ASP D 66 19.56 5.74 13.47
C ASP D 66 18.88 5.36 14.76
N ILE D 67 17.55 5.28 14.72
CA ILE D 67 16.80 4.90 15.90
C ILE D 67 16.96 3.40 16.02
N THR D 68 18.06 2.98 16.65
CA THR D 68 18.37 1.57 16.82
C THR D 68 17.29 0.78 17.54
N ASP D 69 16.45 1.48 18.30
CA ASP D 69 15.38 0.83 19.06
C ASP D 69 14.23 0.27 18.21
N LEU D 70 14.29 0.48 16.89
CA LEU D 70 13.29 -0.02 15.94
C LEU D 70 13.46 -1.51 15.75
N ASN D 71 14.50 -2.06 16.38
CA ASN D 71 14.81 -3.48 16.31
C ASN D 71 14.33 -4.16 17.58
N ASN D 72 14.06 -3.35 18.58
CA ASN D 72 13.63 -3.86 19.87
C ASN D 72 12.18 -3.49 20.20
N ILE D 73 11.28 -3.99 19.37
CA ILE D 73 9.86 -3.71 19.53
C ILE D 73 9.01 -4.98 19.53
N VAL D 74 8.06 -5.04 20.46
CA VAL D 74 7.11 -6.16 20.55
C VAL D 74 5.72 -5.53 20.61
N ILE D 75 4.90 -5.80 19.60
CA ILE D 75 3.55 -5.24 19.58
C ILE D 75 2.58 -6.30 20.09
N ILE D 76 1.68 -5.92 20.99
CA ILE D 76 0.70 -6.89 21.42
C ILE D 76 -0.63 -6.41 20.82
N ASN D 77 -1.14 -7.23 19.91
CA ASN D 77 -2.37 -6.94 19.22
C ASN D 77 -3.55 -7.45 20.05
N ILE D 78 -4.20 -6.54 20.80
CA ILE D 78 -5.36 -6.94 21.60
C ILE D 78 -6.43 -7.31 20.61
N LEU D 79 -6.73 -8.61 20.58
CA LEU D 79 -7.65 -9.19 19.63
C LEU D 79 -8.99 -8.69 19.27
N ARG D 80 -9.08 -8.56 17.95
CA ARG D 80 -10.18 -8.09 17.14
C ARG D 80 -9.93 -6.63 16.84
N ALA D 81 -10.56 -5.75 17.60
CA ALA D 81 -10.43 -4.33 17.35
C ALA D 81 -9.07 -3.88 16.84
N ALA D 82 -8.00 -4.39 17.44
CA ALA D 82 -6.63 -4.01 17.09
C ALA D 82 -6.04 -4.43 15.73
N VAL D 83 -6.50 -5.52 15.13
CA VAL D 83 -5.97 -5.99 13.84
C VAL D 83 -5.67 -4.85 12.83
N PRO D 84 -6.67 -3.97 12.60
CA PRO D 84 -6.48 -2.85 11.66
C PRO D 84 -5.46 -1.86 12.23
N LEU D 85 -5.55 -1.63 13.54
CA LEU D 85 -4.65 -0.70 14.20
C LEU D 85 -3.20 -1.20 14.14
N VAL D 86 -2.98 -2.47 14.49
CA VAL D 86 -1.65 -3.06 14.48
C VAL D 86 -1.15 -3.14 13.03
N GLU D 87 -2.07 -3.38 12.11
CA GLU D 87 -1.73 -3.48 10.69
C GLU D 87 -0.97 -2.24 10.19
N GLY D 88 -1.14 -1.11 10.87
CA GLY D 88 -0.46 0.10 10.47
C GLY D 88 0.77 0.41 11.33
N LEU D 89 0.74 -0.05 12.57
CA LEU D 89 1.86 0.14 13.46
C LEU D 89 3.01 -0.64 12.84
N LEU D 90 2.67 -1.76 12.22
CA LEU D 90 3.68 -2.57 11.54
C LEU D 90 4.33 -1.81 10.37
N LYS D 91 3.66 -0.78 9.88
CA LYS D 91 4.20 0.02 8.79
C LYS D 91 5.34 0.87 9.37
N ALA D 92 5.33 1.03 10.68
CA ALA D 92 6.35 1.82 11.35
C ALA D 92 7.31 0.93 12.12
N PHE D 93 6.92 -0.32 12.37
CA PHE D 93 7.78 -1.24 13.11
C PHE D 93 7.80 -2.61 12.48
N PRO D 94 8.40 -2.72 11.27
CA PRO D 94 8.47 -4.02 10.59
C PRO D 94 9.32 -5.05 11.33
N LYS D 95 10.29 -4.59 12.10
CA LYS D 95 11.14 -5.51 12.83
C LYS D 95 10.50 -5.89 14.17
N ALA D 96 9.20 -5.63 14.32
CA ALA D 96 8.53 -5.95 15.58
C ALA D 96 8.00 -7.38 15.61
N ARG D 97 7.96 -7.96 16.81
CA ARG D 97 7.41 -9.30 17.01
C ARG D 97 5.97 -9.08 17.40
N GLN D 98 5.07 -9.88 16.87
CA GLN D 98 3.67 -9.70 17.19
C GLN D 98 3.15 -10.64 18.27
N GLY D 99 2.78 -10.07 19.40
CA GLY D 99 2.19 -10.85 20.48
C GLY D 99 0.70 -10.67 20.28
N VAL D 100 -0.12 -11.67 20.60
CA VAL D 100 -1.55 -11.55 20.41
C VAL D 100 -2.36 -12.05 21.59
N ILE D 101 -3.12 -11.16 22.24
CA ILE D 101 -3.96 -11.57 23.35
C ILE D 101 -5.41 -11.40 22.93
N GLY D 102 -6.24 -12.37 23.28
CA GLY D 102 -7.64 -12.30 22.93
C GLY D 102 -8.45 -11.99 24.16
N ALA D 103 -8.87 -10.73 24.31
CA ALA D 103 -9.66 -10.32 25.46
C ALA D 103 -11.12 -10.18 25.07
N SER D 104 -12.00 -10.45 26.02
CA SER D 104 -13.43 -10.35 25.81
C SER D 104 -14.01 -9.86 27.13
N ARG D 105 -14.76 -8.76 27.08
CA ARG D 105 -15.35 -8.19 28.28
C ARG D 105 -16.60 -8.91 28.77
N VAL D 106 -16.77 -8.92 30.08
CA VAL D 106 -17.93 -9.53 30.70
C VAL D 106 -18.94 -8.41 30.79
N GLU D 107 -19.75 -8.27 29.75
CA GLU D 107 -20.76 -7.22 29.69
C GLU D 107 -21.62 -7.06 30.93
N VAL D 108 -22.27 -5.92 31.00
CA VAL D 108 -23.16 -5.55 32.10
C VAL D 108 -24.16 -4.59 31.50
N ASP D 109 -25.34 -4.48 32.10
CA ASP D 109 -26.34 -3.56 31.56
C ASP D 109 -26.68 -2.48 32.57
N GLY D 110 -27.25 -1.39 32.06
CA GLY D 110 -27.65 -0.26 32.88
C GLY D 110 -27.83 -0.55 34.35
N LYS D 111 -27.12 0.22 35.17
CA LYS D 111 -27.14 0.12 36.63
C LYS D 111 -26.65 1.51 37.04
N GLU D 112 -25.33 1.62 37.13
CA GLU D 112 -24.64 2.85 37.45
C GLU D 112 -23.53 2.88 36.39
N VAL D 113 -22.54 3.76 36.52
CA VAL D 113 -21.48 3.77 35.52
C VAL D 113 -20.37 2.81 35.96
N PRO D 114 -20.00 1.85 35.10
CA PRO D 114 -18.95 0.85 35.37
C PRO D 114 -17.62 1.49 35.77
N LYS D 115 -17.03 0.97 36.84
CA LYS D 115 -15.74 1.48 37.30
C LYS D 115 -14.61 0.54 36.90
N ASP D 116 -14.93 -0.75 36.76
CA ASP D 116 -13.95 -1.75 36.36
C ASP D 116 -14.65 -3.07 36.10
N MET D 117 -14.42 -3.61 34.91
CA MET D 117 -15.05 -4.85 34.48
C MET D 117 -14.16 -6.10 34.40
N ASP D 118 -14.80 -7.26 34.45
CA ASP D 118 -14.10 -8.53 34.39
C ASP D 118 -13.68 -8.84 32.96
N VAL D 119 -12.46 -9.35 32.81
CA VAL D 119 -11.94 -9.70 31.49
C VAL D 119 -11.66 -11.19 31.34
N TYR D 120 -12.11 -11.74 30.23
CA TYR D 120 -11.97 -13.15 29.93
C TYR D 120 -10.90 -13.30 28.83
N ILE D 121 -9.84 -14.04 29.15
CA ILE D 121 -8.77 -14.27 28.18
C ILE D 121 -8.99 -15.57 27.41
N TYR D 122 -9.35 -15.44 26.13
CA TYR D 122 -9.62 -16.62 25.30
C TYR D 122 -8.49 -16.94 24.34
N TYR D 123 -7.38 -16.23 24.45
CA TYR D 123 -6.26 -16.48 23.55
C TYR D 123 -5.01 -15.70 23.97
N LYS D 124 -3.85 -16.36 23.86
CA LYS D 124 -2.62 -15.67 24.22
C LYS D 124 -1.34 -16.30 23.66
N LYS D 125 -0.71 -15.56 22.76
CA LYS D 125 0.54 -15.95 22.11
C LYS D 125 1.39 -14.69 22.12
N ILE D 126 2.25 -14.56 23.11
CA ILE D 126 3.10 -13.39 23.23
C ILE D 126 4.56 -13.80 23.23
N PRO D 127 5.36 -13.22 22.33
CA PRO D 127 6.79 -13.55 22.26
C PRO D 127 7.49 -13.19 23.57
N ASP D 128 8.73 -13.64 23.73
CA ASP D 128 9.50 -13.35 24.93
C ASP D 128 9.94 -11.90 24.93
N ILE D 129 9.64 -11.18 26.00
CA ILE D 129 10.04 -9.80 26.06
C ILE D 129 11.40 -9.71 26.75
N ARG D 130 12.40 -9.29 25.96
CA ARG D 130 13.76 -9.15 26.46
C ARG D 130 13.81 -8.04 27.50
N ALA D 131 13.95 -8.44 28.76
CA ALA D 131 14.01 -7.49 29.86
C ALA D 131 15.03 -6.39 29.65
N LYS D 132 14.69 -5.18 30.10
CA LYS D 132 15.58 -4.03 29.98
C LYS D 132 15.89 -3.71 28.51
N VAL D 133 15.38 -4.53 27.61
CA VAL D 133 15.67 -4.37 26.17
C VAL D 133 14.52 -3.96 25.23
N ASP D 134 13.43 -4.71 25.28
CA ASP D 134 12.29 -4.47 24.40
C ASP D 134 11.36 -3.32 24.73
N ASN D 135 10.82 -2.72 23.67
CA ASN D 135 9.84 -1.64 23.79
C ASN D 135 8.55 -2.34 23.42
N VAL D 136 7.71 -2.61 24.42
CA VAL D 136 6.44 -3.28 24.17
C VAL D 136 5.37 -2.24 23.81
N ILE D 137 4.66 -2.51 22.73
CA ILE D 137 3.59 -1.62 22.30
C ILE D 137 2.25 -2.35 22.35
N ILE D 138 1.40 -1.94 23.26
CA ILE D 138 0.09 -2.56 23.40
C ILE D 138 -0.92 -1.74 22.58
N ALA D 139 -1.60 -2.39 21.64
CA ALA D 139 -2.54 -1.68 20.80
C ALA D 139 -4.01 -2.05 21.02
N ASP D 140 -4.85 -1.03 21.10
CA ASP D 140 -6.27 -1.21 21.28
C ASP D 140 -6.95 0.12 21.01
N PRO D 141 -7.70 0.21 19.90
CA PRO D 141 -8.39 1.44 19.50
C PRO D 141 -9.05 2.21 20.63
N MET D 142 -9.77 1.48 21.49
CA MET D 142 -10.50 2.09 22.61
C MET D 142 -10.03 1.65 23.98
N ILE D 143 -10.11 2.57 24.93
CA ILE D 143 -9.78 2.33 26.34
C ILE D 143 -10.94 2.95 27.09
N ALA D 144 -11.90 2.13 27.51
CA ALA D 144 -13.07 2.62 28.25
C ALA D 144 -12.76 2.67 29.76
N THR D 145 -12.88 1.53 30.42
CA THR D 145 -12.58 1.46 31.84
C THR D 145 -11.16 0.98 32.02
N ALA D 146 -10.47 0.77 30.90
CA ALA D 146 -9.09 0.29 30.92
C ALA D 146 -8.95 -1.07 31.57
N SER D 147 -10.08 -1.72 31.86
CA SER D 147 -10.10 -3.04 32.48
C SER D 147 -9.26 -4.03 31.69
N THR D 148 -9.55 -4.07 30.40
CA THR D 148 -8.85 -4.93 29.47
C THR D 148 -7.38 -4.56 29.50
N MET D 149 -7.10 -3.28 29.33
CA MET D 149 -5.74 -2.80 29.30
C MET D 149 -4.94 -3.21 30.53
N LEU D 150 -5.42 -2.84 31.70
CA LEU D 150 -4.75 -3.17 32.96
C LEU D 150 -4.51 -4.67 33.07
N LYS D 151 -5.51 -5.44 32.60
CA LYS D 151 -5.45 -6.90 32.61
C LYS D 151 -4.24 -7.42 31.87
N VAL D 152 -3.95 -6.78 30.74
CA VAL D 152 -2.82 -7.16 29.91
C VAL D 152 -1.52 -6.62 30.52
N LEU D 153 -1.57 -5.39 31.02
CA LEU D 153 -0.40 -4.77 31.63
C LEU D 153 0.07 -5.65 32.78
N GLU D 154 -0.89 -6.39 33.33
CA GLU D 154 -0.64 -7.29 34.44
C GLU D 154 0.50 -8.25 34.14
N GLU D 155 0.61 -8.64 32.87
CA GLU D 155 1.64 -9.58 32.44
C GLU D 155 2.86 -8.86 31.86
N VAL D 156 2.60 -7.87 31.01
CA VAL D 156 3.66 -7.13 30.35
C VAL D 156 4.55 -6.43 31.36
N VAL D 157 4.10 -6.31 32.59
CA VAL D 157 4.90 -5.62 33.58
C VAL D 157 5.87 -6.51 34.35
N LYS D 158 5.44 -7.71 34.75
CA LYS D 158 6.36 -8.58 35.48
C LYS D 158 7.54 -9.00 34.59
N ALA D 159 7.49 -8.60 33.32
CA ALA D 159 8.54 -8.93 32.38
C ALA D 159 9.55 -7.79 32.27
N ASN D 160 9.31 -6.72 33.03
CA ASN D 160 10.17 -5.54 33.06
C ASN D 160 10.76 -5.14 31.71
N PRO D 161 9.92 -4.74 30.76
CA PRO D 161 10.44 -4.34 29.45
C PRO D 161 11.13 -2.99 29.56
N LYS D 162 11.98 -2.67 28.57
CA LYS D 162 12.67 -1.39 28.62
C LYS D 162 11.66 -0.26 28.72
N ARG D 163 10.58 -0.40 27.95
CA ARG D 163 9.55 0.61 27.89
C ARG D 163 8.22 0.02 27.46
N ILE D 164 7.11 0.60 27.92
CA ILE D 164 5.79 0.11 27.53
C ILE D 164 5.00 1.27 26.93
N TYR D 165 4.46 1.04 25.74
CA TYR D 165 3.63 2.05 25.09
C TYR D 165 2.24 1.48 24.97
N ILE D 166 1.27 2.38 24.92
CA ILE D 166 -0.11 1.99 24.72
C ILE D 166 -0.55 2.83 23.55
N VAL D 167 -1.15 2.20 22.54
CA VAL D 167 -1.61 2.94 21.39
C VAL D 167 -3.10 2.77 21.30
N SER D 168 -3.82 3.88 21.36
CA SER D 168 -5.27 3.84 21.25
C SER D 168 -5.73 5.03 20.43
N ILE D 169 -6.96 4.98 19.95
CA ILE D 169 -7.52 6.07 19.16
C ILE D 169 -8.27 6.96 20.15
N ILE D 170 -9.17 6.32 20.89
CA ILE D 170 -9.94 7.03 21.89
C ILE D 170 -9.84 6.32 23.23
N SER D 171 -9.70 7.12 24.28
CA SER D 171 -9.65 6.61 25.64
C SER D 171 -10.40 7.60 26.53
N SER D 172 -11.09 7.09 27.54
CA SER D 172 -11.84 7.94 28.45
C SER D 172 -10.94 8.52 29.51
N GLU D 173 -11.40 9.62 30.09
CA GLU D 173 -10.69 10.27 31.16
C GLU D 173 -10.42 9.19 32.20
N TYR D 174 -11.50 8.56 32.62
CA TYR D 174 -11.42 7.55 33.64
C TYR D 174 -10.27 6.59 33.40
N GLY D 175 -10.17 6.11 32.18
CA GLY D 175 -9.11 5.17 31.83
C GLY D 175 -7.71 5.71 31.89
N VAL D 176 -7.46 6.81 31.19
CA VAL D 176 -6.14 7.41 31.17
C VAL D 176 -5.61 7.52 32.60
N ASN D 177 -6.43 8.05 33.50
CA ASN D 177 -6.05 8.20 34.90
C ASN D 177 -5.86 6.86 35.60
N LYS D 178 -6.76 5.93 35.37
CA LYS D 178 -6.68 4.61 35.99
C LYS D 178 -5.43 3.85 35.58
N ILE D 179 -4.91 4.15 34.39
CA ILE D 179 -3.72 3.48 33.88
C ILE D 179 -2.44 4.21 34.31
N LEU D 180 -2.40 5.52 34.10
CA LEU D 180 -1.21 6.30 34.44
C LEU D 180 -1.00 6.48 35.93
N SER D 181 -2.04 6.30 36.72
CA SER D 181 -1.93 6.44 38.18
C SER D 181 -1.28 5.17 38.71
N LYS D 182 -1.59 4.03 38.09
CA LYS D 182 -1.04 2.76 38.51
C LYS D 182 0.32 2.49 37.84
N TYR D 183 0.46 2.97 36.62
CA TYR D 183 1.69 2.79 35.84
C TYR D 183 2.16 4.14 35.32
N PRO D 184 2.49 5.07 36.23
CA PRO D 184 2.95 6.43 35.92
C PRO D 184 3.90 6.55 34.74
N PHE D 185 4.85 5.62 34.66
CA PHE D 185 5.87 5.65 33.63
C PHE D 185 5.54 5.07 32.27
N ILE D 186 4.27 4.74 32.06
CA ILE D 186 3.85 4.18 30.79
C ILE D 186 3.67 5.30 29.78
N TYR D 187 4.00 5.01 28.51
CA TYR D 187 3.82 6.00 27.45
C TYR D 187 2.48 5.72 26.80
N LEU D 188 1.47 6.49 27.19
CA LEU D 188 0.14 6.31 26.66
C LEU D 188 -0.14 7.26 25.51
N PHE D 189 -0.32 6.71 24.32
CA PHE D 189 -0.63 7.51 23.13
C PHE D 189 -2.10 7.35 22.80
N THR D 190 -2.72 8.43 22.38
CA THR D 190 -4.12 8.42 22.02
C THR D 190 -4.40 9.67 21.21
N VAL D 191 -5.44 9.62 20.36
CA VAL D 191 -5.80 10.77 19.53
C VAL D 191 -6.76 11.68 20.27
N ALA D 192 -7.67 11.09 21.04
CA ALA D 192 -8.63 11.88 21.78
C ALA D 192 -8.98 11.23 23.11
N ILE D 193 -9.33 12.07 24.08
CA ILE D 193 -9.71 11.60 25.40
C ILE D 193 -11.14 12.03 25.59
N ASP D 194 -12.08 11.11 25.45
CA ASP D 194 -13.50 11.43 25.63
C ASP D 194 -13.83 11.51 27.11
N PRO D 195 -14.69 12.46 27.48
CA PRO D 195 -15.16 12.76 28.84
C PRO D 195 -15.77 11.69 29.71
N GLU D 196 -16.94 11.19 29.33
CA GLU D 196 -17.60 10.21 30.16
C GLU D 196 -17.90 8.88 29.50
N LEU D 197 -18.27 7.90 30.33
CA LEU D 197 -18.64 6.56 29.88
C LEU D 197 -20.11 6.42 30.24
N ASN D 198 -20.82 5.52 29.56
CA ASN D 198 -22.23 5.33 29.88
C ASN D 198 -22.38 4.11 30.78
N ASN D 199 -23.62 3.77 31.13
CA ASN D 199 -23.91 2.65 32.02
C ASN D 199 -23.49 1.28 31.49
N LYS D 200 -23.29 1.16 30.17
CA LYS D 200 -22.85 -0.10 29.59
C LYS D 200 -21.34 -0.10 29.41
N GLY D 201 -20.70 0.96 29.87
CA GLY D 201 -19.25 1.05 29.77
C GLY D 201 -18.73 1.51 28.41
N TYR D 202 -19.61 2.13 27.62
CA TYR D 202 -19.28 2.64 26.28
C TYR D 202 -18.81 4.08 26.33
N ILE D 203 -17.78 4.38 25.55
CA ILE D 203 -17.25 5.74 25.53
C ILE D 203 -18.17 6.72 24.79
N LEU D 204 -18.28 7.92 25.36
CA LEU D 204 -19.12 8.98 24.79
C LEU D 204 -18.32 10.25 24.66
N PRO D 205 -18.40 10.91 23.50
CA PRO D 205 -19.21 10.49 22.35
C PRO D 205 -18.73 9.21 21.71
N GLY D 206 -17.41 9.01 21.66
CA GLY D 206 -16.85 7.80 21.09
C GLY D 206 -16.99 7.60 19.58
N LEU D 207 -17.07 6.34 19.16
CA LEU D 207 -17.18 6.01 17.75
C LEU D 207 -17.81 4.64 17.56
N GLY D 208 -18.56 4.18 18.56
CA GLY D 208 -19.19 2.87 18.48
C GLY D 208 -18.25 1.72 18.87
N ASP D 209 -18.54 0.55 18.34
CA ASP D 209 -17.76 -0.65 18.60
C ASP D 209 -16.79 -0.86 17.45
N ALA D 210 -15.56 -0.40 17.63
CA ALA D 210 -14.50 -0.48 16.63
C ALA D 210 -14.39 -1.87 16.07
N GLY D 211 -14.58 -2.87 16.93
CA GLY D 211 -14.49 -4.23 16.49
C GLY D 211 -15.66 -4.56 15.57
N ASP D 212 -16.86 -4.14 15.94
CA ASP D 212 -18.02 -4.43 15.13
C ASP D 212 -17.96 -3.60 13.86
N ARG D 213 -17.58 -2.32 13.98
CA ARG D 213 -17.49 -1.46 12.80
C ARG D 213 -16.51 -2.00 11.78
N ALA D 214 -15.34 -2.47 12.24
CA ALA D 214 -14.27 -3.00 11.38
C ALA D 214 -14.42 -4.41 10.87
N PHE D 215 -14.90 -5.32 11.71
CA PHE D 215 -15.08 -6.70 11.28
C PHE D 215 -16.49 -6.96 10.74
N GLY D 216 -17.36 -5.97 10.86
CA GLY D 216 -18.73 -6.08 10.37
C GLY D 216 -19.50 -7.29 10.89
#